data_5WQ0
#
_entry.id   5WQ0
#
_cell.length_a   56.969
_cell.length_b   72.233
_cell.length_c   189.650
_cell.angle_alpha   90.00
_cell.angle_beta   90.00
_cell.angle_gamma   90.00
#
_symmetry.space_group_name_H-M   'P 21 21 21'
#
loop_
_entity.id
_entity.type
_entity.pdbx_description
1 polymer 'Stage 0 sporulation protein'
2 polymer 'Stage 0 sporulation protein'
3 non-polymer 'MAGNESIUM ION'
4 water water
#
loop_
_entity_poly.entity_id
_entity_poly.type
_entity_poly.pdbx_seq_one_letter_code
_entity_poly.pdbx_strand_id
1 'polypeptide(L)'
;MEKIKVAIADDNKELVKTLESYLADHPQIEVITTAPNGKVILSLMENDLPDVLLLDIIMPHLDGLAVLEMMQANENLSKV
QVIMLTAFGQEDVMKQAVDLGASYFMLKPFEFDRLVNQILQVAGHKQEADQRSSILQSQPQPKT
;
B,A,C,E,F,G
2 'polypeptide(L)'
;GSHMMEKIKVAIADDNKELVKTLESYLADHPQIEVITTAPNGKVILSLMENDLPDVLLLDIIMPHLDGLAVLEMMQANEN
LSKVQVIMLTAFGQEDVMKQAVDLGASYFMLKPFEFDRLDNQILQVAGHKQEADQRSSILQSQPQPKT
;
D
#
loop_
_chem_comp.id
_chem_comp.type
_chem_comp.name
_chem_comp.formula
MG non-polymer 'MAGNESIUM ION' 'Mg 2'
#
# COMPACT_ATOMS: atom_id res chain seq x y z
N MET A 1 19.86 -18.11 -23.58
CA MET A 1 20.85 -17.35 -22.83
C MET A 1 20.49 -15.86 -22.80
N GLU A 2 19.87 -15.41 -21.71
CA GLU A 2 19.37 -14.05 -21.58
C GLU A 2 20.48 -13.01 -21.42
N LYS A 3 20.38 -11.93 -22.18
CA LYS A 3 21.40 -10.89 -22.22
C LYS A 3 21.13 -9.66 -21.35
N ILE A 4 22.11 -9.33 -20.50
CA ILE A 4 22.10 -8.10 -19.71
C ILE A 4 22.49 -6.91 -20.60
N LYS A 5 21.59 -5.95 -20.74
CA LYS A 5 21.85 -4.80 -21.62
C LYS A 5 22.75 -3.76 -20.95
N VAL A 6 23.93 -3.52 -21.54
CA VAL A 6 24.92 -2.62 -20.97
C VAL A 6 25.18 -1.40 -21.86
N ALA A 7 25.29 -0.21 -21.25
CA ALA A 7 25.71 1.00 -21.97
C ALA A 7 26.94 1.56 -21.29
N ILE A 8 27.78 2.21 -22.08
CA ILE A 8 29.04 2.76 -21.57
C ILE A 8 29.18 4.25 -21.88
N ALA A 9 29.57 5.03 -20.89
CA ALA A 9 29.82 6.45 -21.09
C ALA A 9 31.22 6.78 -20.58
N ASP A 10 32.15 7.09 -21.47
CA ASP A 10 33.52 7.40 -21.06
C ASP A 10 34.25 8.20 -22.15
N ASP A 11 35.11 9.13 -21.78
CA ASP A 11 35.73 9.98 -22.79
C ASP A 11 37.09 9.45 -23.26
N ASN A 12 37.47 8.27 -22.78
CA ASN A 12 38.65 7.58 -23.29
C ASN A 12 38.20 6.60 -24.35
N LYS A 13 38.32 6.99 -25.62
CA LYS A 13 37.74 6.21 -26.70
C LYS A 13 38.41 4.85 -26.91
N GLU A 14 39.68 4.72 -26.55
CA GLU A 14 40.35 3.43 -26.70
C GLU A 14 39.85 2.46 -25.61
N LEU A 15 39.51 2.96 -24.42
CA LEU A 15 38.89 2.11 -23.42
C LEU A 15 37.46 1.70 -23.82
N VAL A 16 36.70 2.63 -24.38
CA VAL A 16 35.34 2.33 -24.81
C VAL A 16 35.37 1.25 -25.90
N LYS A 17 36.29 1.41 -26.86
CA LYS A 17 36.50 0.45 -27.94
C LYS A 17 36.79 -0.96 -27.39
N THR A 18 37.85 -1.08 -26.60
CA THR A 18 38.29 -2.34 -25.99
C THR A 18 37.19 -3.01 -25.16
N LEU A 19 36.60 -2.22 -24.29
CA LEU A 19 35.61 -2.70 -23.33
C LEU A 19 34.33 -3.13 -24.03
N GLU A 20 33.94 -2.42 -25.09
CA GLU A 20 32.74 -2.83 -25.83
C GLU A 20 32.95 -4.19 -26.49
N SER A 21 34.11 -4.35 -27.13
CA SER A 21 34.51 -5.64 -27.68
C SER A 21 34.49 -6.75 -26.62
N TYR A 22 35.16 -6.53 -25.50
CA TYR A 22 35.25 -7.56 -24.47
C TYR A 22 33.90 -7.97 -23.89
N LEU A 23 33.06 -6.99 -23.56
CA LEU A 23 31.76 -7.27 -22.95
C LEU A 23 30.78 -7.93 -23.92
N ALA A 24 30.85 -7.54 -25.19
CA ALA A 24 29.97 -8.14 -26.20
C ALA A 24 30.22 -9.64 -26.30
N ASP A 25 31.51 -10.03 -26.31
CA ASP A 25 31.91 -11.44 -26.41
C ASP A 25 31.39 -12.31 -25.27
N HIS A 26 31.08 -11.70 -24.14
CA HIS A 26 30.45 -12.42 -23.04
C HIS A 26 29.04 -12.85 -23.45
N PRO A 27 28.70 -14.12 -23.15
CA PRO A 27 27.42 -14.73 -23.54
C PRO A 27 26.21 -14.04 -22.96
N GLN A 28 26.33 -13.51 -21.75
CA GLN A 28 25.18 -12.95 -21.04
C GLN A 28 25.16 -11.42 -21.09
N ILE A 29 26.01 -10.84 -21.93
CA ILE A 29 26.11 -9.38 -22.01
C ILE A 29 26.03 -8.83 -23.44
N GLU A 30 25.21 -7.79 -23.59
CA GLU A 30 24.98 -7.14 -24.86
C GLU A 30 25.22 -5.66 -24.64
N VAL A 31 26.13 -5.09 -25.41
CA VAL A 31 26.43 -3.66 -25.34
C VAL A 31 25.59 -2.88 -26.35
N ILE A 32 24.67 -2.05 -25.86
CA ILE A 32 23.66 -1.46 -26.74
C ILE A 32 23.94 -0.02 -27.22
N THR A 33 24.75 0.75 -26.49
CA THR A 33 25.24 2.05 -26.95
C THR A 33 26.50 2.43 -26.18
N THR A 34 27.26 3.36 -26.75
CA THR A 34 28.34 4.02 -26.03
C THR A 34 28.25 5.55 -26.24
N ALA A 35 28.66 6.32 -25.23
CA ALA A 35 28.69 7.77 -25.34
C ALA A 35 30.02 8.30 -24.81
N PRO A 36 30.52 9.42 -25.38
CA PRO A 36 31.83 9.96 -25.00
C PRO A 36 31.74 11.07 -23.95
N ASN A 37 30.53 11.52 -23.64
CA ASN A 37 30.35 12.46 -22.54
C ASN A 37 28.94 12.40 -21.95
N GLY A 38 28.71 13.25 -20.96
CA GLY A 38 27.46 13.24 -20.20
C GLY A 38 26.20 13.62 -20.96
N LYS A 39 26.37 14.53 -21.91
CA LYS A 39 25.27 15.02 -22.71
C LYS A 39 24.77 13.94 -23.65
N VAL A 40 25.71 13.25 -24.28
CA VAL A 40 25.36 12.25 -25.26
C VAL A 40 24.66 11.06 -24.61
N ILE A 41 25.15 10.63 -23.44
CA ILE A 41 24.51 9.51 -22.77
C ILE A 41 23.08 9.91 -22.35
N LEU A 42 22.87 11.15 -21.94
CA LEU A 42 21.51 11.57 -21.57
C LEU A 42 20.57 11.58 -22.78
N SER A 43 21.07 12.04 -23.93
CA SER A 43 20.30 11.97 -25.18
C SER A 43 19.90 10.55 -25.47
N LEU A 44 20.87 9.64 -25.32
CA LEU A 44 20.60 8.23 -25.56
C LEU A 44 19.69 7.65 -24.49
N MET A 45 19.80 8.13 -23.24
CA MET A 45 19.06 7.56 -22.12
C MET A 45 17.56 7.82 -22.29
N GLU A 46 17.20 8.99 -22.83
CA GLU A 46 15.85 9.15 -23.37
C GLU A 46 15.59 7.96 -24.26
N ASN A 47 14.36 7.48 -24.31
CA ASN A 47 13.99 6.42 -25.27
C ASN A 47 14.63 5.04 -25.07
N ASP A 48 15.92 4.97 -24.75
CA ASP A 48 16.62 3.67 -24.73
C ASP A 48 17.46 3.35 -23.45
N LEU A 49 16.90 2.55 -22.53
CA LEU A 49 17.54 2.32 -21.23
C LEU A 49 18.22 0.96 -21.04
N PRO A 50 19.49 0.97 -20.64
CA PRO A 50 20.17 -0.31 -20.39
C PRO A 50 19.80 -0.88 -19.02
N ASP A 51 20.18 -2.12 -18.78
CA ASP A 51 20.12 -2.68 -17.44
C ASP A 51 21.28 -2.11 -16.59
N VAL A 52 22.44 -1.98 -17.22
CA VAL A 52 23.64 -1.50 -16.52
C VAL A 52 24.24 -0.33 -17.29
N LEU A 53 24.54 0.74 -16.57
CA LEU A 53 25.31 1.83 -17.14
C LEU A 53 26.68 1.92 -16.50
N LEU A 54 27.72 1.73 -17.30
CA LEU A 54 29.10 2.01 -16.88
C LEU A 54 29.35 3.50 -17.10
N LEU A 55 29.69 4.21 -16.03
CA LEU A 55 29.74 5.67 -16.07
C LEU A 55 31.02 6.25 -15.46
N ASP A 56 31.79 6.93 -16.31
CA ASP A 56 32.99 7.65 -15.89
C ASP A 56 32.58 8.94 -15.19
N ILE A 57 33.12 9.21 -14.00
CA ILE A 57 32.84 10.46 -13.32
C ILE A 57 33.43 11.68 -14.03
N ILE A 58 34.69 11.59 -14.42
CA ILE A 58 35.35 12.73 -15.04
C ILE A 58 35.16 12.71 -16.55
N MET A 59 34.42 13.71 -17.04
CA MET A 59 34.05 13.79 -18.45
C MET A 59 33.90 15.25 -18.89
N PRO A 60 34.20 15.55 -20.16
CA PRO A 60 33.95 16.94 -20.58
C PRO A 60 32.44 17.27 -20.67
N HIS A 61 32.14 18.57 -20.56
CA HIS A 61 30.81 19.17 -20.74
C HIS A 61 29.83 18.86 -19.62
N LEU A 62 29.68 17.57 -19.34
CA LEU A 62 28.75 17.10 -18.33
C LEU A 62 29.33 15.82 -17.72
N ASP A 63 29.60 15.86 -16.41
CA ASP A 63 30.31 14.76 -15.80
C ASP A 63 29.38 13.62 -15.30
N GLY A 64 29.99 12.55 -14.78
CA GLY A 64 29.26 11.39 -14.34
C GLY A 64 28.24 11.59 -13.24
N LEU A 65 28.58 12.40 -12.23
CA LEU A 65 27.64 12.68 -11.13
C LEU A 65 26.44 13.52 -11.58
N ALA A 66 26.63 14.38 -12.58
CA ALA A 66 25.54 15.17 -13.15
C ALA A 66 24.56 14.24 -13.89
N VAL A 67 25.10 13.34 -14.68
CA VAL A 67 24.28 12.34 -15.35
C VAL A 67 23.48 11.54 -14.34
N LEU A 68 24.18 11.05 -13.31
CA LEU A 68 23.58 10.23 -12.27
C LEU A 68 22.41 10.98 -11.56
N GLU A 69 22.65 12.23 -11.19
CA GLU A 69 21.62 13.08 -10.59
C GLU A 69 20.40 13.35 -11.51
N MET A 70 20.66 13.60 -12.80
CA MET A 70 19.57 13.76 -13.78
C MET A 70 18.78 12.44 -13.91
N MET A 71 19.47 11.31 -13.98
CA MET A 71 18.80 10.03 -14.13
C MET A 71 18.03 9.61 -12.87
N GLN A 72 18.53 9.96 -11.69
CA GLN A 72 17.78 9.69 -10.47
C GLN A 72 16.51 10.53 -10.35
N ALA A 73 16.52 11.73 -10.90
CA ALA A 73 15.35 12.61 -10.80
C ALA A 73 14.29 12.28 -11.87
N ASN A 74 14.70 11.57 -12.92
CA ASN A 74 13.79 11.13 -13.97
C ASN A 74 13.28 9.70 -13.77
N GLU A 75 13.54 9.15 -12.59
CA GLU A 75 13.11 7.79 -12.27
C GLU A 75 13.74 6.73 -13.20
N ASN A 76 14.91 7.00 -13.78
CA ASN A 76 15.64 5.95 -14.51
C ASN A 76 16.28 4.89 -13.64
N LEU A 77 16.63 5.24 -12.40
CA LEU A 77 17.49 4.37 -11.59
C LEU A 77 16.75 3.17 -11.00
N SER A 78 15.44 3.18 -11.08
CA SER A 78 14.66 1.99 -10.71
C SER A 78 15.04 0.80 -11.63
N LYS A 79 15.10 1.06 -12.94
CA LYS A 79 15.64 0.08 -13.87
C LYS A 79 17.16 0.02 -13.93
N VAL A 80 17.83 1.16 -14.11
CA VAL A 80 19.24 1.15 -14.52
C VAL A 80 20.22 0.97 -13.35
N GLN A 81 21.00 -0.11 -13.36
CA GLN A 81 22.11 -0.19 -12.41
C GLN A 81 23.31 0.57 -12.93
N VAL A 82 23.72 1.60 -12.18
CA VAL A 82 24.85 2.41 -12.60
C VAL A 82 26.11 1.99 -11.83
N ILE A 83 27.15 1.65 -12.59
CA ILE A 83 28.46 1.37 -12.02
C ILE A 83 29.40 2.52 -12.39
N MET A 84 29.74 3.34 -11.39
CA MET A 84 30.74 4.39 -11.56
C MET A 84 32.12 3.78 -11.83
N LEU A 85 32.80 4.29 -12.86
CA LEU A 85 34.16 3.93 -13.20
C LEU A 85 35.04 5.17 -13.15
N THR A 86 36.19 5.10 -12.48
CA THR A 86 37.04 6.29 -12.33
C THR A 86 38.40 5.99 -11.69
N ALA A 87 39.39 6.82 -11.99
CA ALA A 87 40.67 6.74 -11.28
C ALA A 87 40.71 7.74 -10.16
N PHE A 88 39.70 8.61 -10.11
CA PHE A 88 39.62 9.62 -9.05
C PHE A 88 38.82 9.08 -7.87
N GLY A 89 39.43 8.19 -7.09
CA GLY A 89 38.72 7.52 -6.02
C GLY A 89 38.80 8.27 -4.71
N GLN A 90 38.16 9.44 -4.66
CA GLN A 90 38.14 10.27 -3.47
C GLN A 90 36.85 10.00 -2.68
N GLU A 91 36.99 9.92 -1.36
CA GLU A 91 35.94 9.34 -0.50
C GLU A 91 34.65 10.14 -0.50
N ASP A 92 34.73 11.45 -0.40
CA ASP A 92 33.57 12.25 -0.71
C ASP A 92 33.62 12.46 -2.21
N VAL A 93 32.70 11.79 -2.90
CA VAL A 93 32.56 11.63 -4.35
C VAL A 93 31.82 10.31 -4.41
N MET A 94 32.41 9.31 -3.79
CA MET A 94 31.74 8.04 -3.53
C MET A 94 30.44 8.26 -2.78
N LYS A 95 30.53 9.01 -1.70
CA LYS A 95 29.38 9.37 -0.90
C LYS A 95 28.30 10.04 -1.76
N GLN A 96 28.71 10.90 -2.70
CA GLN A 96 27.75 11.51 -3.62
C GLN A 96 27.12 10.50 -4.54
N ALA A 97 27.95 9.58 -5.05
CA ALA A 97 27.49 8.53 -5.92
C ALA A 97 26.40 7.70 -5.23
N VAL A 98 26.61 7.46 -3.93
CA VAL A 98 25.67 6.73 -3.11
C VAL A 98 24.35 7.49 -2.94
N ASP A 99 24.44 8.78 -2.65
CA ASP A 99 23.25 9.63 -2.49
C ASP A 99 22.49 9.85 -3.80
N LEU A 100 23.18 9.69 -4.94
CA LEU A 100 22.56 9.93 -6.23
C LEU A 100 22.18 8.62 -6.90
N GLY A 101 22.39 7.51 -6.21
CA GLY A 101 21.80 6.25 -6.60
C GLY A 101 22.66 5.28 -7.39
N ALA A 102 23.96 5.41 -7.30
CA ALA A 102 24.82 4.46 -7.99
C ALA A 102 24.70 3.08 -7.32
N SER A 103 24.72 2.02 -8.13
CA SER A 103 24.72 0.63 -7.65
C SER A 103 26.09 0.22 -7.17
N TYR A 104 27.13 0.72 -7.86
CA TYR A 104 28.50 0.30 -7.60
C TYR A 104 29.52 1.34 -8.00
N PHE A 105 30.75 1.11 -7.56
CA PHE A 105 31.84 2.05 -7.72
C PHE A 105 33.10 1.22 -7.96
N MET A 106 33.79 1.49 -9.05
CA MET A 106 34.98 0.74 -9.37
C MET A 106 36.15 1.69 -9.72
N LEU A 107 37.34 1.36 -9.23
CA LEU A 107 38.54 2.13 -9.52
C LEU A 107 39.21 1.66 -10.80
N LYS A 108 39.62 2.60 -11.65
CA LYS A 108 40.60 2.34 -12.70
C LYS A 108 41.97 2.35 -12.04
N PRO A 109 42.84 1.39 -12.40
CA PRO A 109 42.55 0.34 -13.38
C PRO A 109 41.79 -0.85 -12.78
N PHE A 110 41.09 -1.58 -13.62
CA PHE A 110 40.34 -2.75 -13.15
C PHE A 110 40.53 -3.96 -14.06
N GLU A 111 40.35 -5.15 -13.51
CA GLU A 111 40.37 -6.34 -14.33
C GLU A 111 39.01 -6.41 -15.01
N PHE A 112 38.99 -6.68 -16.31
CA PHE A 112 37.73 -6.71 -17.04
C PHE A 112 36.79 -7.79 -16.51
N ASP A 113 37.33 -8.96 -16.25
CA ASP A 113 36.52 -10.08 -15.78
C ASP A 113 35.98 -9.83 -14.37
N ARG A 114 36.64 -8.94 -13.62
CA ARG A 114 36.16 -8.63 -12.29
C ARG A 114 34.99 -7.62 -12.37
N LEU A 115 35.05 -6.75 -13.37
CA LEU A 115 33.91 -5.91 -13.78
C LEU A 115 32.74 -6.71 -14.37
N VAL A 116 33.04 -7.72 -15.18
CA VAL A 116 32.00 -8.59 -15.68
C VAL A 116 31.26 -9.22 -14.50
N ASN A 117 32.03 -9.66 -13.52
CA ASN A 117 31.45 -10.33 -12.38
C ASN A 117 30.54 -9.38 -11.57
N GLN A 118 30.87 -8.09 -11.52
CA GLN A 118 29.98 -7.13 -10.87
C GLN A 118 28.73 -6.78 -11.67
N ILE A 119 28.83 -6.80 -13.01
CA ILE A 119 27.65 -6.63 -13.85
C ILE A 119 26.66 -7.77 -13.56
N LEU A 120 27.18 -8.98 -13.47
CA LEU A 120 26.32 -10.13 -13.18
C LEU A 120 25.75 -10.06 -11.77
N GLN A 121 26.46 -9.41 -10.83
CA GLN A 121 25.91 -9.29 -9.48
C GLN A 121 24.74 -8.29 -9.42
N VAL A 122 24.90 -7.13 -10.08
CA VAL A 122 23.88 -6.09 -10.00
C VAL A 122 22.69 -6.33 -10.91
N ALA A 123 22.82 -7.22 -11.88
CA ALA A 123 21.77 -7.36 -12.91
C ALA A 123 21.52 -8.81 -13.36
N GLY A 124 22.31 -9.75 -12.86
CA GLY A 124 22.15 -11.14 -13.24
C GLY A 124 21.17 -11.81 -12.32
N HIS A 125 20.36 -12.71 -12.87
CA HIS A 125 19.46 -13.50 -12.06
C HIS A 125 19.23 -14.88 -12.68
N LYS A 126 19.43 -15.85 -11.78
CA LYS A 126 19.62 -17.28 -12.07
C LYS A 126 20.86 -17.51 -12.93
N LYS B 3 -14.26 12.94 -7.71
CA LYS B 3 -14.09 14.05 -8.62
C LYS B 3 -14.74 13.78 -9.97
N ILE B 4 -15.42 14.79 -10.53
CA ILE B 4 -16.20 14.61 -11.76
C ILE B 4 -15.44 15.02 -13.02
N LYS B 5 -15.29 14.06 -13.93
CA LYS B 5 -14.53 14.25 -15.15
C LYS B 5 -15.38 14.83 -16.29
N VAL B 6 -15.05 16.06 -16.69
CA VAL B 6 -15.85 16.80 -17.65
C VAL B 6 -15.14 16.97 -18.99
N ALA B 7 -15.87 16.72 -20.08
CA ALA B 7 -15.38 17.10 -21.40
C ALA B 7 -16.25 18.22 -21.98
N ILE B 8 -15.61 19.21 -22.62
CA ILE B 8 -16.32 20.32 -23.27
C ILE B 8 -16.13 20.28 -24.79
N ALA B 9 -17.24 20.42 -25.53
CA ALA B 9 -17.19 20.53 -26.98
C ALA B 9 -17.97 21.78 -27.44
N ASP B 10 -17.22 22.74 -27.96
CA ASP B 10 -17.78 24.05 -28.30
C ASP B 10 -16.83 24.78 -29.27
N ASP B 11 -17.40 25.43 -30.29
CA ASP B 11 -16.60 26.06 -31.34
C ASP B 11 -16.21 27.51 -31.02
N ASN B 12 -16.43 27.92 -29.78
CA ASN B 12 -16.03 29.24 -29.29
C ASN B 12 -14.91 29.08 -28.29
N LYS B 13 -13.67 29.43 -28.69
CA LYS B 13 -12.51 29.20 -27.83
C LYS B 13 -12.46 30.10 -26.60
N GLU B 14 -12.91 31.34 -26.76
CA GLU B 14 -13.00 32.25 -25.64
C GLU B 14 -13.87 31.62 -24.54
N LEU B 15 -15.01 31.05 -24.93
CA LEU B 15 -15.90 30.41 -23.97
C LEU B 15 -15.26 29.17 -23.34
N VAL B 16 -14.66 28.32 -24.15
CA VAL B 16 -14.04 27.09 -23.65
C VAL B 16 -12.86 27.40 -22.71
N LYS B 17 -12.11 28.47 -22.99
CA LYS B 17 -11.02 28.84 -22.08
C LYS B 17 -11.51 29.43 -20.76
N THR B 18 -12.42 30.41 -20.82
CA THR B 18 -13.05 30.99 -19.62
C THR B 18 -13.66 29.95 -18.70
N LEU B 19 -14.22 28.93 -19.32
CA LEU B 19 -14.94 27.89 -18.61
C LEU B 19 -13.96 26.92 -18.02
N GLU B 20 -12.91 26.66 -18.79
CA GLU B 20 -11.86 25.75 -18.39
C GLU B 20 -11.08 26.37 -17.23
N SER B 21 -11.02 27.69 -17.26
CA SER B 21 -10.34 28.47 -16.23
C SER B 21 -11.19 28.60 -14.98
N TYR B 22 -12.48 28.87 -15.16
CA TYR B 22 -13.40 29.01 -14.04
C TYR B 22 -13.53 27.71 -13.25
N LEU B 23 -13.35 26.57 -13.90
CA LEU B 23 -13.47 25.28 -13.23
C LEU B 23 -12.14 24.74 -12.72
N ALA B 24 -11.05 25.42 -13.05
CA ALA B 24 -9.73 25.03 -12.59
C ALA B 24 -9.72 24.99 -11.07
N ASP B 25 -10.10 26.11 -10.46
CA ASP B 25 -10.36 26.24 -9.02
C ASP B 25 -11.05 25.06 -8.37
N HIS B 26 -11.96 24.45 -9.12
CA HIS B 26 -12.98 23.62 -8.49
C HIS B 26 -12.49 22.28 -7.95
N PRO B 27 -12.80 22.00 -6.68
CA PRO B 27 -12.53 20.77 -5.93
C PRO B 27 -12.95 19.46 -6.62
N GLN B 28 -14.23 19.39 -7.00
CA GLN B 28 -14.83 18.13 -7.43
C GLN B 28 -15.00 17.96 -8.94
N ILE B 29 -14.56 18.93 -9.73
CA ILE B 29 -14.72 18.86 -11.19
C ILE B 29 -13.40 19.10 -11.92
N GLU B 30 -13.04 18.22 -12.83
CA GLU B 30 -11.86 18.45 -13.66
C GLU B 30 -12.14 18.38 -15.17
N VAL B 31 -11.68 19.39 -15.90
CA VAL B 31 -11.84 19.41 -17.35
C VAL B 31 -10.71 18.63 -18.02
N ILE B 32 -11.05 17.46 -18.55
CA ILE B 32 -10.04 16.57 -19.08
C ILE B 32 -9.85 16.69 -20.59
N THR B 33 -10.87 17.21 -21.29
CA THR B 33 -10.87 17.24 -22.75
C THR B 33 -11.62 18.46 -23.31
N THR B 34 -11.09 19.05 -24.38
CA THR B 34 -11.83 20.06 -25.12
C THR B 34 -11.67 19.86 -26.63
N ALA B 35 -12.76 20.08 -27.35
CA ALA B 35 -12.76 19.98 -28.79
C ALA B 35 -13.53 21.16 -29.37
N PRO B 36 -13.05 21.65 -30.54
CA PRO B 36 -13.75 22.75 -31.22
C PRO B 36 -14.90 22.23 -32.09
N ASN B 37 -15.02 20.91 -32.24
CA ASN B 37 -16.11 20.36 -33.04
C ASN B 37 -16.45 18.91 -32.75
N GLY B 38 -17.47 18.42 -33.44
CA GLY B 38 -17.97 17.07 -33.26
C GLY B 38 -17.03 15.96 -33.67
N LYS B 39 -16.34 16.09 -34.82
CA LYS B 39 -15.39 15.07 -35.22
C LYS B 39 -14.32 14.91 -34.15
N VAL B 40 -13.85 16.02 -33.61
CA VAL B 40 -12.76 15.93 -32.65
C VAL B 40 -13.21 15.39 -31.31
N ILE B 41 -14.40 15.81 -30.85
CA ILE B 41 -14.84 15.37 -29.52
C ILE B 41 -15.14 13.88 -29.46
N LEU B 42 -15.62 13.30 -30.55
CA LEU B 42 -15.84 11.85 -30.58
C LEU B 42 -14.49 11.14 -30.53
N SER B 43 -13.58 11.59 -31.37
CA SER B 43 -12.28 10.95 -31.47
C SER B 43 -11.52 11.02 -30.12
N LEU B 44 -11.56 12.18 -29.46
CA LEU B 44 -10.84 12.34 -28.19
C LEU B 44 -11.48 11.57 -27.04
N MET B 45 -12.76 11.24 -27.17
CA MET B 45 -13.48 10.65 -26.06
C MET B 45 -13.35 9.13 -26.03
N GLU B 46 -12.97 8.53 -27.16
CA GLU B 46 -12.87 7.08 -27.24
C GLU B 46 -11.72 6.58 -26.36
N ASN B 47 -12.06 5.60 -25.51
CA ASN B 47 -11.15 5.03 -24.50
C ASN B 47 -10.66 6.07 -23.50
N ASP B 48 -11.26 7.25 -23.51
CA ASP B 48 -11.01 8.26 -22.48
C ASP B 48 -12.30 9.00 -22.12
N LEU B 49 -13.29 8.23 -21.68
CA LEU B 49 -14.62 8.72 -21.36
C LEU B 49 -14.62 9.72 -20.20
N PRO B 50 -15.44 10.76 -20.33
CA PRO B 50 -15.72 11.69 -19.23
C PRO B 50 -17.00 11.31 -18.49
N ASP B 51 -17.26 11.94 -17.35
CA ASP B 51 -18.52 11.72 -16.65
C ASP B 51 -19.61 12.58 -17.27
N VAL B 52 -19.29 13.87 -17.39
CA VAL B 52 -20.21 14.81 -18.01
C VAL B 52 -19.60 15.37 -19.28
N LEU B 53 -20.34 15.31 -20.39
CA LEU B 53 -19.98 16.06 -21.58
C LEU B 53 -20.87 17.30 -21.72
N LEU B 54 -20.24 18.47 -21.83
CA LEU B 54 -20.91 19.73 -22.20
C LEU B 54 -20.83 19.90 -23.72
N LEU B 55 -21.98 19.95 -24.38
CA LEU B 55 -21.98 19.84 -25.82
C LEU B 55 -22.78 20.94 -26.51
N ASP B 56 -22.06 21.84 -27.19
CA ASP B 56 -22.66 22.84 -28.07
C ASP B 56 -23.39 22.11 -29.19
N ILE B 57 -24.55 22.60 -29.61
CA ILE B 57 -25.25 21.94 -30.71
C ILE B 57 -24.70 22.40 -32.04
N ILE B 58 -24.45 23.70 -32.16
CA ILE B 58 -24.03 24.25 -33.44
C ILE B 58 -22.50 24.35 -33.48
N MET B 59 -21.91 23.50 -34.31
CA MET B 59 -20.47 23.37 -34.45
C MET B 59 -20.16 23.03 -35.90
N PRO B 60 -19.01 23.46 -36.39
CA PRO B 60 -18.67 23.14 -37.78
C PRO B 60 -18.38 21.65 -37.97
N HIS B 61 -18.46 21.20 -39.22
CA HIS B 61 -18.18 19.83 -39.64
C HIS B 61 -19.19 18.77 -39.17
N LEU B 62 -19.42 18.72 -37.85
CA LEU B 62 -20.29 17.71 -37.27
C LEU B 62 -20.90 18.29 -36.01
N ASP B 63 -22.23 18.30 -35.90
CA ASP B 63 -22.84 19.10 -34.85
C ASP B 63 -23.24 18.26 -33.62
N GLY B 64 -23.67 18.93 -32.57
CA GLY B 64 -23.97 18.27 -31.31
C GLY B 64 -24.97 17.14 -31.33
N LEU B 65 -26.03 17.26 -32.13
CA LEU B 65 -27.01 16.17 -32.23
C LEU B 65 -26.45 14.97 -33.00
N ALA B 66 -25.61 15.22 -34.00
CA ALA B 66 -24.92 14.13 -34.71
C ALA B 66 -23.98 13.41 -33.73
N VAL B 67 -23.22 14.19 -32.96
CA VAL B 67 -22.35 13.66 -31.93
C VAL B 67 -23.07 12.77 -30.92
N LEU B 68 -24.20 13.30 -30.44
CA LEU B 68 -25.04 12.63 -29.44
C LEU B 68 -25.61 11.32 -29.97
N GLU B 69 -25.95 11.32 -31.27
CA GLU B 69 -26.52 10.16 -31.92
C GLU B 69 -25.50 9.05 -32.06
N MET B 70 -24.27 9.42 -32.42
CA MET B 70 -23.21 8.42 -32.44
C MET B 70 -22.80 8.00 -31.02
N MET B 71 -23.01 8.89 -30.04
CA MET B 71 -22.72 8.51 -28.66
C MET B 71 -23.71 7.47 -28.18
N GLN B 72 -24.97 7.66 -28.54
CA GLN B 72 -26.04 6.74 -28.19
C GLN B 72 -25.72 5.34 -28.69
N ALA B 73 -25.21 5.26 -29.91
CA ALA B 73 -24.94 3.99 -30.58
C ALA B 73 -23.51 3.49 -30.36
N ASN B 74 -22.97 3.76 -29.17
CA ASN B 74 -21.73 3.15 -28.70
C ASN B 74 -21.80 2.92 -27.19
N GLU B 75 -20.73 2.42 -26.59
CA GLU B 75 -20.69 2.07 -25.17
C GLU B 75 -20.91 3.25 -24.23
N ASN B 76 -21.04 4.46 -24.76
CA ASN B 76 -20.84 5.67 -23.97
C ASN B 76 -21.99 6.68 -23.87
N LEU B 77 -23.25 6.25 -23.74
CA LEU B 77 -24.31 7.25 -23.59
C LEU B 77 -24.91 7.33 -22.18
N SER B 78 -25.10 6.21 -21.50
CA SER B 78 -25.57 6.27 -20.13
C SER B 78 -24.30 6.32 -19.25
N LYS B 79 -23.18 5.91 -19.85
CA LYS B 79 -21.92 6.16 -19.25
C LYS B 79 -21.74 7.68 -19.18
N VAL B 80 -21.80 8.35 -20.33
CA VAL B 80 -21.55 9.79 -20.35
C VAL B 80 -22.83 10.59 -20.26
N GLN B 81 -22.95 11.37 -19.20
CA GLN B 81 -24.08 12.28 -19.01
C GLN B 81 -23.86 13.56 -19.82
N VAL B 82 -24.68 13.77 -20.83
CA VAL B 82 -24.53 14.91 -21.72
C VAL B 82 -25.46 16.05 -21.38
N ILE B 83 -24.85 17.23 -21.22
CA ILE B 83 -25.59 18.47 -21.09
C ILE B 83 -25.42 19.32 -22.35
N MET B 84 -26.50 19.52 -23.11
CA MET B 84 -26.43 20.36 -24.31
C MET B 84 -26.28 21.83 -23.91
N LEU B 85 -25.39 22.53 -24.59
CA LEU B 85 -25.28 23.98 -24.48
C LEU B 85 -25.65 24.58 -25.83
N THR B 86 -26.48 25.61 -25.86
CA THR B 86 -26.77 26.28 -27.12
C THR B 86 -27.55 27.57 -26.91
N ALA B 87 -27.62 28.40 -27.94
CA ALA B 87 -28.49 29.59 -27.94
C ALA B 87 -29.67 29.31 -28.87
N PHE B 88 -29.64 28.13 -29.47
CA PHE B 88 -30.71 27.69 -30.35
C PHE B 88 -31.61 26.71 -29.61
N GLY B 89 -32.52 27.28 -28.81
CA GLY B 89 -33.38 26.48 -27.97
C GLY B 89 -34.76 26.38 -28.58
N GLN B 90 -34.91 25.48 -29.54
CA GLN B 90 -36.13 25.31 -30.29
C GLN B 90 -36.77 24.00 -29.84
N GLU B 91 -38.07 24.06 -29.53
CA GLU B 91 -38.79 22.96 -28.89
C GLU B 91 -38.52 21.58 -29.53
N ASP B 92 -38.54 21.48 -30.86
CA ASP B 92 -38.28 20.21 -31.53
C ASP B 92 -36.83 19.71 -31.42
N VAL B 93 -35.87 20.63 -31.49
CA VAL B 93 -34.47 20.26 -31.25
C VAL B 93 -34.33 19.69 -29.85
N MET B 94 -35.00 20.29 -28.87
CA MET B 94 -34.98 19.75 -27.50
C MET B 94 -35.63 18.37 -27.41
N LYS B 95 -36.70 18.17 -28.17
CA LYS B 95 -37.36 16.87 -28.21
C LYS B 95 -36.39 15.85 -28.81
N GLN B 96 -35.69 16.25 -29.88
CA GLN B 96 -34.64 15.42 -30.47
C GLN B 96 -33.54 15.05 -29.47
N ALA B 97 -33.02 16.04 -28.74
CA ALA B 97 -31.97 15.80 -27.74
C ALA B 97 -32.39 14.78 -26.69
N VAL B 98 -33.60 14.94 -26.16
CA VAL B 98 -34.17 13.99 -25.19
C VAL B 98 -34.25 12.55 -25.74
N ASP B 99 -34.83 12.38 -26.92
CA ASP B 99 -34.94 11.04 -27.49
C ASP B 99 -33.56 10.44 -27.88
N LEU B 100 -32.52 11.25 -27.84
CA LEU B 100 -31.16 10.75 -28.08
C LEU B 100 -30.31 10.61 -26.81
N GLY B 101 -30.92 10.68 -25.64
CA GLY B 101 -30.22 10.42 -24.41
C GLY B 101 -29.56 11.57 -23.69
N ALA B 102 -29.86 12.80 -24.07
CA ALA B 102 -29.30 13.96 -23.38
C ALA B 102 -29.92 14.08 -22.00
N SER B 103 -29.11 14.36 -20.98
CA SER B 103 -29.62 14.38 -19.61
C SER B 103 -30.18 15.75 -19.20
N TYR B 104 -29.54 16.81 -19.68
CA TYR B 104 -30.04 18.15 -19.44
C TYR B 104 -29.69 19.07 -20.60
N PHE B 105 -30.30 20.25 -20.62
CA PHE B 105 -30.25 21.13 -21.77
C PHE B 105 -30.21 22.55 -21.24
N MET B 106 -29.12 23.25 -21.48
CA MET B 106 -28.90 24.56 -20.90
C MET B 106 -28.74 25.57 -22.04
N LEU B 107 -29.17 26.80 -21.81
CA LEU B 107 -29.30 27.78 -22.88
C LEU B 107 -28.37 28.97 -22.65
N LYS B 108 -27.62 29.34 -23.69
CA LYS B 108 -26.73 30.51 -23.63
C LYS B 108 -27.50 31.83 -23.77
N PRO B 109 -27.05 32.89 -23.09
CA PRO B 109 -25.98 32.88 -22.10
C PRO B 109 -26.42 32.25 -20.77
N PHE B 110 -25.47 31.69 -20.04
CA PHE B 110 -25.79 31.02 -18.79
C PHE B 110 -24.88 31.52 -17.68
N GLU B 111 -25.29 31.25 -16.44
CA GLU B 111 -24.49 31.56 -15.28
C GLU B 111 -23.53 30.40 -15.05
N PHE B 112 -22.31 30.68 -14.60
CA PHE B 112 -21.33 29.61 -14.46
C PHE B 112 -21.65 28.79 -13.21
N ASP B 113 -22.21 29.46 -12.21
CA ASP B 113 -22.62 28.74 -11.00
C ASP B 113 -23.81 27.81 -11.26
N ARG B 114 -24.73 28.21 -12.13
CA ARG B 114 -25.86 27.36 -12.43
C ARG B 114 -25.41 26.15 -13.23
N LEU B 115 -24.35 26.35 -14.01
CA LEU B 115 -23.80 25.31 -14.87
C LEU B 115 -23.08 24.25 -14.02
N VAL B 116 -22.18 24.69 -13.15
CA VAL B 116 -21.53 23.80 -12.17
C VAL B 116 -22.59 23.02 -11.38
N ASN B 117 -23.63 23.75 -10.97
CA ASN B 117 -24.70 23.15 -10.19
C ASN B 117 -25.38 21.98 -10.93
N GLN B 118 -25.56 22.14 -12.23
CA GLN B 118 -26.19 21.08 -13.04
C GLN B 118 -25.21 19.99 -13.44
N ILE B 119 -23.91 20.28 -13.43
CA ILE B 119 -22.91 19.23 -13.61
C ILE B 119 -22.94 18.27 -12.43
N LEU B 120 -22.93 18.81 -11.22
CA LEU B 120 -23.04 17.97 -10.02
C LEU B 120 -24.35 17.19 -10.00
N GLN B 121 -25.46 17.88 -10.20
CA GLN B 121 -26.78 17.26 -10.10
C GLN B 121 -26.93 16.10 -11.09
N VAL B 122 -26.37 16.29 -12.28
CA VAL B 122 -26.43 15.24 -13.30
C VAL B 122 -25.35 14.17 -13.10
N ALA B 123 -24.28 14.54 -12.39
CA ALA B 123 -23.21 13.57 -12.13
C ALA B 123 -23.68 12.63 -11.02
N GLY B 124 -24.47 13.18 -10.09
CA GLY B 124 -25.09 12.39 -9.05
C GLY B 124 -26.28 11.60 -9.56
N HIS B 125 -26.01 10.60 -10.39
CA HIS B 125 -27.03 9.65 -10.86
C HIS B 125 -26.44 8.26 -10.98
N GLU C 2 -30.66 -13.60 39.95
CA GLU C 2 -29.53 -13.15 39.15
C GLU C 2 -28.49 -14.27 38.96
N LYS C 3 -27.63 -14.12 37.97
CA LYS C 3 -26.64 -15.14 37.69
C LYS C 3 -25.46 -15.18 38.70
N ILE C 4 -24.62 -16.19 38.57
CA ILE C 4 -23.34 -16.23 39.29
C ILE C 4 -22.36 -15.26 38.62
N LYS C 5 -21.78 -14.36 39.40
CA LYS C 5 -20.91 -13.35 38.81
C LYS C 5 -19.42 -13.77 38.84
N VAL C 6 -18.86 -14.01 37.64
CA VAL C 6 -17.51 -14.56 37.50
C VAL C 6 -16.49 -13.55 36.94
N ALA C 7 -15.34 -13.44 37.60
CA ALA C 7 -14.26 -12.61 37.10
C ALA C 7 -13.07 -13.50 36.68
N ILE C 8 -12.34 -13.07 35.65
CA ILE C 8 -11.23 -13.85 35.11
C ILE C 8 -9.98 -12.99 35.02
N ALA C 9 -8.88 -13.46 35.61
CA ALA C 9 -7.60 -12.77 35.50
C ALA C 9 -6.57 -13.72 34.90
N ASP C 10 -6.24 -13.49 33.63
CA ASP C 10 -5.22 -14.26 32.91
C ASP C 10 -4.51 -13.38 31.88
N ASP C 11 -3.21 -13.59 31.69
CA ASP C 11 -2.47 -12.82 30.71
C ASP C 11 -2.52 -13.43 29.28
N ASN C 12 -3.10 -14.62 29.16
CA ASN C 12 -3.39 -15.19 27.86
C ASN C 12 -4.79 -14.73 27.42
N LYS C 13 -4.86 -13.75 26.53
CA LYS C 13 -6.14 -13.16 26.16
C LYS C 13 -7.04 -14.10 25.34
N GLU C 14 -6.45 -15.10 24.70
CA GLU C 14 -7.24 -16.05 23.93
C GLU C 14 -8.15 -16.83 24.87
N LEU C 15 -7.58 -17.27 25.98
CA LEU C 15 -8.32 -18.09 26.94
C LEU C 15 -9.39 -17.25 27.61
N VAL C 16 -9.01 -16.05 28.03
CA VAL C 16 -9.93 -15.11 28.65
C VAL C 16 -11.17 -14.91 27.77
N LYS C 17 -10.98 -14.71 26.48
CA LYS C 17 -12.17 -14.48 25.65
C LYS C 17 -12.82 -15.78 25.14
N THR C 18 -12.05 -16.87 25.06
CA THR C 18 -12.67 -18.18 24.93
C THR C 18 -13.66 -18.42 26.06
N LEU C 19 -13.25 -18.10 27.28
CA LEU C 19 -14.10 -18.28 28.46
C LEU C 19 -15.24 -17.25 28.54
N GLU C 20 -14.96 -15.99 28.21
CA GLU C 20 -16.05 -15.01 28.08
C GLU C 20 -17.11 -15.55 27.13
N SER C 21 -16.65 -15.97 25.96
CA SER C 21 -17.52 -16.49 24.89
C SER C 21 -18.41 -17.64 25.35
N TYR C 22 -17.77 -18.67 25.86
CA TYR C 22 -18.42 -19.91 26.26
C TYR C 22 -19.42 -19.71 27.39
N LEU C 23 -19.13 -18.77 28.28
CA LEU C 23 -20.01 -18.52 29.40
C LEU C 23 -21.06 -17.48 29.06
N ALA C 24 -21.01 -16.97 27.82
CA ALA C 24 -21.97 -15.96 27.40
C ALA C 24 -23.34 -16.60 27.28
N ASP C 25 -24.31 -15.97 27.93
CA ASP C 25 -25.70 -16.43 27.94
C ASP C 25 -25.77 -17.91 28.33
N HIS C 26 -24.88 -18.29 29.24
CA HIS C 26 -25.05 -19.50 30.04
C HIS C 26 -26.11 -19.13 31.07
N PRO C 27 -27.05 -20.06 31.35
CA PRO C 27 -28.20 -19.78 32.22
C PRO C 27 -27.83 -19.28 33.61
N GLN C 28 -26.83 -19.87 34.26
CA GLN C 28 -26.56 -19.50 35.65
C GLN C 28 -25.38 -18.55 35.84
N ILE C 29 -24.56 -18.39 34.81
CA ILE C 29 -23.27 -17.70 34.96
C ILE C 29 -23.17 -16.42 34.14
N GLU C 30 -22.50 -15.42 34.69
CA GLU C 30 -22.24 -14.17 34.00
C GLU C 30 -20.83 -13.68 34.30
N VAL C 31 -19.99 -13.62 33.26
CA VAL C 31 -18.65 -13.03 33.35
C VAL C 31 -18.72 -11.51 33.32
N ILE C 32 -18.36 -10.87 34.42
CA ILE C 32 -18.58 -9.43 34.55
C ILE C 32 -17.30 -8.65 34.30
N THR C 33 -16.18 -9.35 34.35
CA THR C 33 -14.90 -8.70 34.49
C THR C 33 -13.78 -9.58 33.96
N THR C 34 -12.81 -8.98 33.28
CA THR C 34 -11.59 -9.67 32.93
C THR C 34 -10.41 -8.73 33.13
N ALA C 35 -9.25 -9.32 33.39
CA ALA C 35 -8.01 -8.58 33.59
C ALA C 35 -6.84 -9.37 33.01
N PRO C 36 -5.85 -8.64 32.48
CA PRO C 36 -4.63 -9.24 31.92
C PRO C 36 -3.54 -9.55 32.96
N ASN C 37 -3.57 -8.97 34.14
CA ASN C 37 -2.54 -9.26 35.14
C ASN C 37 -2.99 -8.96 36.55
N GLY C 38 -2.11 -9.19 37.51
CA GLY C 38 -2.49 -9.06 38.91
C GLY C 38 -2.90 -7.68 39.38
N LYS C 39 -2.22 -6.65 38.88
CA LYS C 39 -2.48 -5.29 39.34
C LYS C 39 -3.87 -4.90 38.92
N VAL C 40 -4.24 -5.28 37.70
CA VAL C 40 -5.52 -4.86 37.18
C VAL C 40 -6.65 -5.55 37.93
N ILE C 41 -6.50 -6.84 38.23
CA ILE C 41 -7.58 -7.56 38.90
C ILE C 41 -7.80 -7.04 40.34
N LEU C 42 -6.73 -6.64 41.04
CA LEU C 42 -6.89 -6.05 42.37
C LEU C 42 -7.64 -4.75 42.26
N SER C 43 -7.17 -3.91 41.33
CA SER C 43 -7.83 -2.65 41.00
C SER C 43 -9.34 -2.82 40.72
N LEU C 44 -9.70 -3.88 40.01
CA LEU C 44 -11.10 -4.18 39.67
C LEU C 44 -11.93 -4.75 40.81
N MET C 45 -11.27 -5.28 41.83
CA MET C 45 -11.97 -6.03 42.87
C MET C 45 -12.14 -5.23 44.15
N GLU C 46 -11.18 -4.36 44.41
CA GLU C 46 -11.49 -3.13 45.08
C GLU C 46 -12.73 -2.61 44.35
N ASN C 47 -13.78 -2.30 45.10
CA ASN C 47 -15.02 -1.69 44.62
C ASN C 47 -16.11 -2.66 44.11
N ASP C 48 -15.81 -3.60 43.20
CA ASP C 48 -16.87 -4.51 42.77
C ASP C 48 -16.49 -5.99 42.86
N LEU C 49 -16.97 -6.66 43.91
CA LEU C 49 -16.61 -8.07 44.20
C LEU C 49 -17.43 -9.12 43.47
N PRO C 50 -16.76 -9.93 42.63
CA PRO C 50 -17.46 -11.08 42.02
C PRO C 50 -17.76 -12.19 43.04
N ASP C 51 -18.62 -13.13 42.67
CA ASP C 51 -18.84 -14.33 43.46
C ASP C 51 -17.65 -15.28 43.28
N VAL C 52 -17.23 -15.49 42.03
CA VAL C 52 -16.11 -16.38 41.70
C VAL C 52 -15.01 -15.64 40.90
N LEU C 53 -13.75 -15.95 41.20
CA LEU C 53 -12.60 -15.43 40.46
C LEU C 53 -11.78 -16.57 39.88
N LEU C 54 -11.68 -16.63 38.55
CA LEU C 54 -10.74 -17.52 37.88
C LEU C 54 -9.40 -16.81 37.81
N LEU C 55 -8.39 -17.37 38.47
CA LEU C 55 -7.15 -16.67 38.72
C LEU C 55 -5.95 -17.46 38.21
N ASP C 56 -5.24 -16.89 37.24
CA ASP C 56 -4.03 -17.51 36.71
C ASP C 56 -2.93 -17.32 37.74
N ILE C 57 -2.08 -18.32 37.91
CA ILE C 57 -0.94 -18.17 38.79
C ILE C 57 0.17 -17.34 38.12
N ILE C 58 0.44 -17.60 36.84
CA ILE C 58 1.61 -17.01 36.19
C ILE C 58 1.22 -15.86 35.26
N MET C 59 1.41 -14.64 35.75
CA MET C 59 1.02 -13.43 35.06
C MET C 59 2.16 -12.47 35.27
N PRO C 60 2.35 -11.51 34.34
CA PRO C 60 3.42 -10.53 34.51
C PRO C 60 3.03 -9.48 35.55
N HIS C 61 4.00 -8.73 36.09
CA HIS C 61 3.78 -7.63 37.04
C HIS C 61 3.39 -8.10 38.44
N LEU C 62 2.33 -8.91 38.50
CA LEU C 62 1.86 -9.43 39.77
C LEU C 62 1.23 -10.80 39.56
N ASP C 63 1.87 -11.83 40.11
CA ASP C 63 1.38 -13.19 39.92
C ASP C 63 0.16 -13.48 40.81
N GLY C 64 -0.47 -14.63 40.55
CA GLY C 64 -1.72 -15.05 41.16
C GLY C 64 -1.64 -15.26 42.65
N LEU C 65 -0.54 -15.86 43.12
CA LEU C 65 -0.35 -16.06 44.54
C LEU C 65 -0.25 -14.73 45.28
N ALA C 66 0.32 -13.71 44.63
CA ALA C 66 0.42 -12.43 45.28
C ALA C 66 -0.97 -11.78 45.39
N VAL C 67 -1.78 -11.91 44.34
CA VAL C 67 -3.15 -11.39 44.32
C VAL C 67 -3.97 -12.06 45.43
N LEU C 68 -3.81 -13.38 45.49
CA LEU C 68 -4.46 -14.24 46.47
C LEU C 68 -4.07 -13.85 47.89
N GLU C 69 -2.78 -13.60 48.08
CA GLU C 69 -2.27 -13.22 49.38
C GLU C 69 -2.95 -11.94 49.85
N MET C 70 -3.09 -10.97 48.94
CA MET C 70 -3.67 -9.69 49.31
C MET C 70 -5.16 -9.74 49.55
N MET C 71 -5.88 -10.57 48.80
CA MET C 71 -7.31 -10.74 49.03
C MET C 71 -7.59 -11.40 50.37
N GLN C 72 -6.71 -12.33 50.76
CA GLN C 72 -6.83 -12.97 52.05
C GLN C 72 -6.67 -11.95 53.17
N ALA C 73 -5.76 -10.99 52.93
CA ALA C 73 -5.37 -9.95 53.89
C ALA C 73 -6.45 -8.89 54.02
N ASN C 74 -7.10 -8.55 52.91
CA ASN C 74 -8.40 -7.88 52.97
C ASN C 74 -9.39 -8.98 53.33
N GLU C 75 -10.69 -8.71 53.47
CA GLU C 75 -11.61 -9.82 53.74
C GLU C 75 -12.05 -10.43 52.44
N ASN C 76 -11.81 -9.66 51.36
CA ASN C 76 -12.04 -10.06 49.98
C ASN C 76 -12.44 -11.46 49.62
N LEU C 77 -11.99 -12.45 50.35
CA LEU C 77 -12.46 -13.79 50.07
C LEU C 77 -13.88 -13.86 50.57
N SER C 78 -14.18 -14.71 51.55
CA SER C 78 -15.55 -14.77 52.11
C SER C 78 -16.63 -14.85 51.03
N LYS C 79 -16.82 -13.72 50.33
CA LYS C 79 -17.69 -13.68 49.15
C LYS C 79 -17.00 -14.21 47.89
N VAL C 80 -15.74 -13.82 47.66
CA VAL C 80 -15.09 -14.26 46.44
C VAL C 80 -14.54 -15.67 46.64
N GLN C 81 -15.08 -16.59 45.85
CA GLN C 81 -14.53 -17.94 45.82
C GLN C 81 -13.48 -17.99 44.71
N VAL C 82 -12.22 -18.10 45.07
CA VAL C 82 -11.16 -18.11 44.08
C VAL C 82 -10.80 -19.50 43.56
N ILE C 83 -10.85 -19.67 42.24
CA ILE C 83 -10.34 -20.88 41.61
C ILE C 83 -9.04 -20.57 40.84
N MET C 84 -7.93 -21.20 41.22
CA MET C 84 -6.65 -21.01 40.56
C MET C 84 -6.58 -21.78 39.24
N LEU C 85 -5.89 -21.19 38.25
CA LEU C 85 -5.66 -21.83 36.95
C LEU C 85 -4.18 -21.74 36.54
N THR C 86 -3.63 -22.83 36.00
CA THR C 86 -2.23 -22.84 35.59
C THR C 86 -1.93 -24.11 34.81
N ALA C 87 -0.88 -24.08 34.00
CA ALA C 87 -0.36 -25.29 33.39
C ALA C 87 0.84 -25.75 34.20
N PHE C 88 1.25 -24.93 35.17
CA PHE C 88 2.37 -25.26 36.04
C PHE C 88 1.94 -25.96 37.33
N GLY C 89 1.62 -27.25 37.22
CA GLY C 89 1.07 -28.02 38.33
C GLY C 89 2.16 -28.67 39.16
N GLN C 90 2.69 -27.89 40.09
CA GLN C 90 3.82 -28.28 40.91
C GLN C 90 3.35 -28.18 42.36
N GLU C 91 3.64 -29.20 43.17
CA GLU C 91 2.85 -29.43 44.37
C GLU C 91 3.17 -28.47 45.51
N ASP C 92 4.43 -28.10 45.69
CA ASP C 92 4.67 -26.84 46.33
C ASP C 92 4.15 -25.86 45.29
N VAL C 93 3.21 -24.98 45.67
CA VAL C 93 2.51 -23.99 44.80
C VAL C 93 1.01 -24.20 44.93
N MET C 94 0.57 -25.46 44.85
CA MET C 94 -0.78 -25.81 45.28
C MET C 94 -0.89 -25.77 46.80
N LYS C 95 0.18 -26.18 47.49
CA LYS C 95 0.25 -25.97 48.93
C LYS C 95 0.22 -24.48 49.30
N GLN C 96 0.94 -23.64 48.57
CA GLN C 96 0.94 -22.21 48.86
C GLN C 96 -0.45 -21.65 48.65
N ALA C 97 -1.14 -22.17 47.63
CA ALA C 97 -2.45 -21.66 47.25
C ALA C 97 -3.60 -22.07 48.22
N VAL C 98 -3.58 -23.29 48.77
CA VAL C 98 -4.50 -23.59 49.89
C VAL C 98 -4.22 -22.70 51.08
N ASP C 99 -2.96 -22.51 51.42
CA ASP C 99 -2.63 -21.67 52.58
C ASP C 99 -3.14 -20.23 52.40
N LEU C 100 -3.04 -19.69 51.18
CA LEU C 100 -3.54 -18.33 50.95
C LEU C 100 -5.06 -18.20 50.76
N GLY C 101 -5.78 -19.32 50.73
CA GLY C 101 -7.23 -19.27 50.79
C GLY C 101 -8.01 -19.58 49.51
N ALA C 102 -7.38 -20.34 48.62
CA ALA C 102 -8.07 -20.76 47.40
C ALA C 102 -9.15 -21.81 47.70
N SER C 103 -10.29 -21.66 47.04
CA SER C 103 -11.37 -22.64 47.07
C SER C 103 -11.06 -23.86 46.22
N TYR C 104 -10.47 -23.65 45.04
CA TYR C 104 -10.14 -24.73 44.13
C TYR C 104 -8.89 -24.43 43.27
N PHE C 105 -8.53 -25.37 42.40
CA PHE C 105 -7.28 -25.33 41.66
C PHE C 105 -7.41 -26.26 40.45
N MET C 106 -7.36 -25.71 39.24
CA MET C 106 -7.49 -26.53 38.05
C MET C 106 -6.32 -26.34 37.08
N LEU C 107 -5.82 -27.48 36.60
CA LEU C 107 -4.72 -27.53 35.68
C LEU C 107 -5.15 -27.37 34.22
N LYS C 108 -4.54 -26.41 33.52
CA LYS C 108 -4.71 -26.29 32.07
C LYS C 108 -3.92 -27.40 31.39
N PRO C 109 -4.49 -28.04 30.36
CA PRO C 109 -5.83 -27.82 29.78
C PRO C 109 -6.95 -28.47 30.58
N PHE C 110 -8.13 -27.84 30.59
CA PHE C 110 -9.32 -28.34 31.28
C PHE C 110 -10.50 -28.46 30.32
N GLU C 111 -11.45 -29.33 30.67
CA GLU C 111 -12.72 -29.39 29.95
C GLU C 111 -13.59 -28.25 30.46
N PHE C 112 -14.25 -27.52 29.56
CA PHE C 112 -15.10 -26.40 29.94
C PHE C 112 -16.24 -26.81 30.89
N ASP C 113 -16.82 -27.99 30.68
CA ASP C 113 -17.96 -28.37 31.51
C ASP C 113 -17.54 -28.75 32.94
N ARG C 114 -16.28 -29.13 33.10
CA ARG C 114 -15.75 -29.38 34.42
C ARG C 114 -15.51 -28.06 35.16
N LEU C 115 -15.00 -27.05 34.45
CA LEU C 115 -14.88 -25.71 35.01
C LEU C 115 -16.25 -25.13 35.41
N VAL C 116 -17.24 -25.28 34.52
CA VAL C 116 -18.61 -24.89 34.82
C VAL C 116 -19.13 -25.62 36.07
N ASN C 117 -18.86 -26.92 36.13
CA ASN C 117 -19.25 -27.71 37.29
C ASN C 117 -18.64 -27.16 38.59
N GLN C 118 -17.36 -26.81 38.58
CA GLN C 118 -16.74 -26.30 39.81
C GLN C 118 -17.20 -24.91 40.21
N ILE C 119 -17.55 -24.06 39.24
CA ILE C 119 -18.14 -22.75 39.53
C ILE C 119 -19.52 -22.92 40.22
N LEU C 120 -20.39 -23.74 39.64
CA LEU C 120 -21.65 -24.10 40.30
C LEU C 120 -21.49 -24.75 41.66
N GLN C 121 -20.39 -25.46 41.86
CA GLN C 121 -20.12 -26.11 43.13
C GLN C 121 -19.82 -25.08 44.24
N VAL C 122 -19.07 -24.07 43.85
CA VAL C 122 -18.48 -23.14 44.78
C VAL C 122 -19.36 -21.88 44.92
N ALA C 123 -20.39 -21.75 44.06
CA ALA C 123 -21.22 -20.54 44.07
C ALA C 123 -22.68 -20.74 43.62
N GLY C 124 -23.04 -21.94 43.18
CA GLY C 124 -24.42 -22.17 42.77
C GLY C 124 -25.35 -22.46 43.93
N GLY D 1 -63.64 -49.57 22.41
CA GLY D 1 -62.36 -49.58 21.73
C GLY D 1 -62.27 -48.51 20.64
N SER D 2 -61.30 -47.61 20.76
CA SER D 2 -61.20 -46.44 19.88
C SER D 2 -59.82 -46.36 19.22
N HIS D 3 -59.79 -46.23 17.90
CA HIS D 3 -58.53 -46.23 17.16
C HIS D 3 -58.05 -44.80 16.92
N MET D 4 -58.85 -43.86 17.37
CA MET D 4 -58.74 -42.49 16.93
C MET D 4 -59.62 -41.71 17.85
N MET D 5 -59.14 -40.58 18.34
CA MET D 5 -60.00 -39.73 19.13
C MET D 5 -61.15 -39.21 18.26
N GLU D 6 -62.28 -38.98 18.91
CA GLU D 6 -63.44 -38.50 18.19
C GLU D 6 -63.36 -36.98 17.97
N LYS D 7 -63.74 -36.54 16.77
CA LYS D 7 -63.41 -35.20 16.28
C LYS D 7 -64.62 -34.30 16.19
N ILE D 8 -64.50 -33.12 16.79
CA ILE D 8 -65.48 -32.08 16.54
C ILE D 8 -65.14 -31.43 15.19
N LYS D 9 -66.08 -31.44 14.27
CA LYS D 9 -65.87 -30.81 12.96
C LYS D 9 -66.13 -29.30 13.05
N VAL D 10 -65.12 -28.53 12.65
CA VAL D 10 -65.08 -27.09 12.82
C VAL D 10 -64.85 -26.36 11.50
N ALA D 11 -65.59 -25.27 11.28
CA ALA D 11 -65.39 -24.37 10.14
C ALA D 11 -64.99 -22.98 10.64
N ILE D 12 -64.21 -22.27 9.81
CA ILE D 12 -63.72 -20.93 10.14
C ILE D 12 -64.03 -19.91 9.08
N ALA D 13 -64.77 -18.86 9.44
CA ALA D 13 -64.97 -17.72 8.56
C ALA D 13 -64.32 -16.48 9.20
N ASP D 14 -63.16 -16.11 8.67
CA ASP D 14 -62.44 -14.91 9.09
C ASP D 14 -61.71 -14.29 7.87
N ASP D 15 -61.69 -12.96 7.78
CA ASP D 15 -61.10 -12.29 6.63
C ASP D 15 -59.61 -12.05 6.84
N ASN D 16 -59.18 -12.33 8.06
CA ASN D 16 -57.80 -12.20 8.52
C ASN D 16 -56.98 -13.44 8.17
N LYS D 17 -56.09 -13.34 7.18
CA LYS D 17 -55.53 -14.56 6.59
C LYS D 17 -54.45 -15.22 7.45
N GLU D 18 -53.65 -14.42 8.16
CA GLU D 18 -52.63 -14.95 9.08
C GLU D 18 -53.30 -15.72 10.22
N LEU D 19 -54.37 -15.14 10.77
CA LEU D 19 -55.16 -15.75 11.84
C LEU D 19 -55.79 -17.05 11.41
N VAL D 20 -56.29 -17.08 10.20
CA VAL D 20 -56.96 -18.27 9.73
C VAL D 20 -55.92 -19.38 9.57
N LYS D 21 -54.71 -19.02 9.11
CA LYS D 21 -53.68 -20.03 8.93
C LYS D 21 -53.10 -20.55 10.26
N THR D 22 -52.72 -19.64 11.16
CA THR D 22 -52.22 -20.04 12.47
C THR D 22 -53.25 -20.93 13.20
N LEU D 23 -54.49 -20.45 13.25
CA LEU D 23 -55.58 -21.20 13.86
C LEU D 23 -55.85 -22.56 13.18
N GLU D 24 -55.89 -22.57 11.85
CA GLU D 24 -56.06 -23.82 11.11
C GLU D 24 -54.99 -24.84 11.48
N SER D 25 -53.78 -24.34 11.66
CA SER D 25 -52.62 -25.14 11.97
C SER D 25 -52.74 -25.75 13.37
N TYR D 26 -53.19 -24.93 14.30
CA TYR D 26 -53.33 -25.32 15.70
C TYR D 26 -54.44 -26.36 15.91
N LEU D 27 -55.52 -26.21 15.15
CA LEU D 27 -56.68 -27.07 15.30
C LEU D 27 -56.52 -28.37 14.54
N ALA D 28 -55.76 -28.34 13.45
CA ALA D 28 -55.46 -29.57 12.72
C ALA D 28 -54.66 -30.50 13.63
N ASP D 29 -53.70 -29.90 14.34
CA ASP D 29 -52.77 -30.64 15.17
C ASP D 29 -53.43 -31.16 16.44
N HIS D 30 -54.48 -30.49 16.89
CA HIS D 30 -55.26 -30.96 18.02
C HIS D 30 -55.99 -32.27 17.71
N PRO D 31 -55.83 -33.26 18.58
CA PRO D 31 -56.36 -34.60 18.30
C PRO D 31 -57.88 -34.73 18.37
N GLN D 32 -58.60 -33.72 18.86
CA GLN D 32 -60.05 -33.84 18.96
C GLN D 32 -60.85 -32.95 18.00
N ILE D 33 -60.15 -32.22 17.12
CA ILE D 33 -60.84 -31.34 16.19
C ILE D 33 -60.46 -31.61 14.76
N GLU D 34 -61.49 -31.68 13.91
CA GLU D 34 -61.31 -31.71 12.46
C GLU D 34 -61.72 -30.38 11.81
N VAL D 35 -60.76 -29.60 11.33
CA VAL D 35 -61.11 -28.42 10.50
C VAL D 35 -61.49 -28.85 9.08
N ILE D 36 -62.77 -28.71 8.75
CA ILE D 36 -63.28 -29.26 7.51
C ILE D 36 -63.41 -28.17 6.42
N THR D 37 -63.43 -26.91 6.84
CA THR D 37 -63.68 -25.80 5.92
C THR D 37 -63.02 -24.53 6.46
N THR D 38 -62.61 -23.62 5.58
CA THR D 38 -62.29 -22.25 5.97
C THR D 38 -62.78 -21.32 4.90
N ALA D 39 -62.89 -20.04 5.23
CA ALA D 39 -63.51 -19.05 4.36
C ALA D 39 -63.08 -17.64 4.74
N PRO D 40 -62.75 -16.81 3.73
CA PRO D 40 -62.34 -15.42 3.97
C PRO D 40 -63.50 -14.44 4.07
N ASN D 41 -64.69 -14.81 3.63
CA ASN D 41 -65.84 -13.93 3.86
C ASN D 41 -67.17 -14.69 4.06
N GLY D 42 -68.23 -13.95 4.34
CA GLY D 42 -69.52 -14.56 4.62
C GLY D 42 -70.21 -15.31 3.48
N LYS D 43 -69.94 -14.94 2.24
CA LYS D 43 -70.56 -15.60 1.10
C LYS D 43 -69.97 -16.99 0.92
N VAL D 44 -68.64 -17.05 0.98
CA VAL D 44 -67.94 -18.29 0.77
C VAL D 44 -68.30 -19.34 1.81
N ILE D 45 -68.41 -18.94 3.07
CA ILE D 45 -68.70 -19.89 4.13
C ILE D 45 -70.13 -20.43 3.99
N LEU D 46 -71.07 -19.60 3.56
CA LEU D 46 -72.46 -20.04 3.49
C LEU D 46 -72.61 -21.16 2.47
N SER D 47 -71.85 -21.08 1.38
CA SER D 47 -71.97 -22.08 0.32
C SER D 47 -71.00 -23.24 0.56
N LEU D 48 -69.99 -23.03 1.40
CA LEU D 48 -69.12 -24.14 1.74
C LEU D 48 -69.71 -25.01 2.84
N MET D 49 -70.64 -24.46 3.60
CA MET D 49 -71.36 -25.24 4.59
C MET D 49 -72.55 -25.92 3.95
N GLU D 50 -72.81 -25.56 2.70
CA GLU D 50 -73.78 -26.25 1.89
C GLU D 50 -73.41 -27.72 1.70
N ASN D 51 -72.13 -28.01 1.47
CA ASN D 51 -71.71 -29.39 1.30
C ASN D 51 -71.44 -30.08 2.62
N ASP D 52 -70.40 -29.67 3.35
CA ASP D 52 -70.09 -30.34 4.63
C ASP D 52 -70.52 -29.50 5.82
N LEU D 53 -71.53 -30.00 6.55
CA LEU D 53 -72.06 -29.29 7.71
C LEU D 53 -71.16 -29.53 8.94
N PRO D 54 -70.65 -28.45 9.54
CA PRO D 54 -69.80 -28.66 10.73
C PRO D 54 -70.59 -28.66 12.05
N ASP D 55 -69.98 -29.21 13.09
CA ASP D 55 -70.57 -29.16 14.40
C ASP D 55 -70.54 -27.72 14.93
N VAL D 56 -69.40 -27.08 14.76
CA VAL D 56 -69.11 -25.76 15.30
C VAL D 56 -68.64 -24.83 14.17
N LEU D 57 -69.13 -23.59 14.16
CA LEU D 57 -68.59 -22.56 13.23
C LEU D 57 -67.92 -21.46 14.01
N LEU D 58 -66.70 -21.11 13.59
CA LEU D 58 -65.97 -19.97 14.14
C LEU D 58 -66.17 -18.77 13.20
N LEU D 59 -66.87 -17.76 13.67
CA LEU D 59 -67.39 -16.76 12.78
C LEU D 59 -66.96 -15.37 13.22
N ASP D 60 -66.07 -14.77 12.43
CA ASP D 60 -65.67 -13.38 12.58
C ASP D 60 -66.88 -12.54 12.28
N ILE D 61 -67.08 -11.46 13.04
CA ILE D 61 -68.27 -10.63 12.86
C ILE D 61 -68.09 -9.64 11.71
N ILE D 62 -66.84 -9.25 11.47
CA ILE D 62 -66.52 -8.19 10.53
C ILE D 62 -65.69 -8.74 9.37
N MET D 63 -66.37 -8.98 8.26
CA MET D 63 -65.77 -9.52 7.05
C MET D 63 -66.29 -8.74 5.83
N PRO D 64 -65.56 -8.73 4.72
CA PRO D 64 -66.13 -8.07 3.54
C PRO D 64 -67.23 -8.90 2.84
N HIS D 65 -68.05 -8.24 2.01
CA HIS D 65 -69.19 -8.83 1.27
C HIS D 65 -70.38 -9.20 2.15
N LEU D 66 -70.12 -10.01 3.16
CA LEU D 66 -71.18 -10.49 4.01
C LEU D 66 -70.57 -10.70 5.39
N ASP D 67 -71.00 -9.92 6.36
CA ASP D 67 -70.39 -10.00 7.68
C ASP D 67 -71.00 -11.16 8.48
N GLY D 68 -70.48 -11.37 9.70
CA GLY D 68 -70.84 -12.49 10.55
C GLY D 68 -72.29 -12.51 11.01
N LEU D 69 -72.85 -11.35 11.31
CA LEU D 69 -74.25 -11.32 11.70
C LEU D 69 -75.22 -11.65 10.53
N ALA D 70 -74.82 -11.32 9.30
CA ALA D 70 -75.60 -11.70 8.13
C ALA D 70 -75.60 -13.23 7.91
N VAL D 71 -74.45 -13.86 8.18
CA VAL D 71 -74.34 -15.30 8.05
C VAL D 71 -75.21 -15.92 9.14
N LEU D 72 -75.05 -15.37 10.34
CA LEU D 72 -75.82 -15.77 11.50
C LEU D 72 -77.32 -15.72 11.20
N GLU D 73 -77.78 -14.61 10.64
CA GLU D 73 -79.18 -14.45 10.24
C GLU D 73 -79.58 -15.48 9.19
N MET D 74 -78.69 -15.71 8.23
CA MET D 74 -78.93 -16.72 7.22
C MET D 74 -79.06 -18.11 7.81
N MET D 75 -78.19 -18.47 8.75
CA MET D 75 -78.23 -19.82 9.28
C MET D 75 -79.52 -20.06 10.08
N GLN D 76 -80.08 -18.97 10.62
CA GLN D 76 -81.28 -19.06 11.43
C GLN D 76 -82.51 -19.53 10.65
N ALA D 77 -82.46 -19.37 9.33
CA ALA D 77 -83.62 -19.58 8.46
C ALA D 77 -83.63 -20.97 7.83
N ASN D 78 -82.75 -21.81 8.35
CA ASN D 78 -82.49 -23.15 7.85
C ASN D 78 -82.29 -24.01 9.09
N GLU D 79 -83.09 -25.06 9.30
CA GLU D 79 -82.99 -25.76 10.58
C GLU D 79 -81.76 -26.68 10.62
N ASN D 80 -81.26 -27.08 9.47
CA ASN D 80 -79.84 -27.41 9.37
C ASN D 80 -79.13 -26.08 9.16
N LEU D 81 -78.05 -25.88 9.93
CA LEU D 81 -77.29 -24.62 10.10
C LEU D 81 -77.71 -23.99 11.43
N SER D 82 -78.98 -24.15 11.79
CA SER D 82 -79.44 -23.76 13.12
C SER D 82 -78.82 -24.66 14.17
N LYS D 83 -78.51 -25.89 13.80
CA LYS D 83 -77.89 -26.81 14.75
C LYS D 83 -76.37 -26.78 14.65
N VAL D 84 -75.82 -25.99 13.73
CA VAL D 84 -74.41 -25.66 13.85
C VAL D 84 -74.28 -24.71 15.05
N GLN D 85 -73.38 -25.02 15.98
CA GLN D 85 -73.12 -24.15 17.11
C GLN D 85 -72.14 -23.09 16.64
N VAL D 86 -72.49 -21.83 16.81
CA VAL D 86 -71.69 -20.78 16.22
C VAL D 86 -71.02 -19.96 17.29
N ILE D 87 -69.69 -19.96 17.29
CA ILE D 87 -68.91 -19.14 18.22
C ILE D 87 -68.39 -17.86 17.53
N MET D 88 -68.87 -16.69 17.98
CA MET D 88 -68.44 -15.40 17.39
C MET D 88 -67.04 -15.04 17.87
N LEU D 89 -66.20 -14.60 16.92
CA LEU D 89 -64.87 -14.05 17.17
C LEU D 89 -64.81 -12.63 16.63
N THR D 90 -64.28 -11.69 17.42
CA THR D 90 -64.30 -10.29 17.01
C THR D 90 -63.58 -9.43 18.03
N ALA D 91 -63.05 -8.29 17.59
CA ALA D 91 -62.52 -7.29 18.53
C ALA D 91 -63.56 -6.19 18.76
N PHE D 92 -64.68 -6.30 18.04
CA PHE D 92 -65.73 -5.29 18.12
C PHE D 92 -66.81 -5.77 19.09
N GLY D 93 -66.48 -5.74 20.37
CA GLY D 93 -67.37 -6.25 21.39
C GLY D 93 -68.33 -5.18 21.85
N GLN D 94 -69.35 -4.95 21.03
CA GLN D 94 -70.33 -3.90 21.27
C GLN D 94 -71.66 -4.51 21.72
N GLU D 95 -72.24 -3.93 22.76
CA GLU D 95 -73.38 -4.49 23.48
C GLU D 95 -74.59 -4.78 22.61
N ASP D 96 -75.12 -3.79 21.89
CA ASP D 96 -75.99 -4.19 20.81
C ASP D 96 -75.04 -4.59 19.71
N VAL D 97 -75.17 -5.83 19.27
CA VAL D 97 -74.24 -6.59 18.41
C VAL D 97 -74.05 -7.89 19.15
N MET D 98 -73.70 -7.81 20.43
CA MET D 98 -73.76 -8.96 21.30
C MET D 98 -75.20 -9.47 21.41
N LYS D 99 -76.14 -8.54 21.58
CA LYS D 99 -77.56 -8.88 21.68
C LYS D 99 -78.07 -9.37 20.34
N GLN D 100 -77.58 -8.76 19.26
CA GLN D 100 -77.91 -9.23 17.94
C GLN D 100 -77.47 -10.68 17.79
N ALA D 101 -76.21 -10.98 18.13
CA ALA D 101 -75.70 -12.35 18.11
C ALA D 101 -76.57 -13.32 18.92
N VAL D 102 -76.99 -12.93 20.13
CA VAL D 102 -77.90 -13.75 20.94
C VAL D 102 -79.24 -13.90 20.25
N ASP D 103 -79.81 -12.78 19.80
CA ASP D 103 -81.06 -12.81 19.04
C ASP D 103 -81.01 -13.80 17.90
N LEU D 104 -79.83 -13.92 17.29
CA LEU D 104 -79.67 -14.62 16.03
C LEU D 104 -79.06 -16.02 16.17
N GLY D 105 -78.97 -16.53 17.41
CA GLY D 105 -78.57 -17.89 17.67
C GLY D 105 -77.10 -18.21 17.85
N ALA D 106 -76.27 -17.21 18.12
CA ALA D 106 -74.87 -17.47 18.45
C ALA D 106 -74.78 -18.25 19.78
N SER D 107 -73.91 -19.26 19.85
CA SER D 107 -73.84 -20.08 21.05
C SER D 107 -72.90 -19.43 22.02
N TYR D 108 -71.95 -18.68 21.48
CA TYR D 108 -70.92 -18.07 22.29
C TYR D 108 -70.29 -16.89 21.56
N PHE D 109 -69.54 -16.08 22.29
CA PHE D 109 -69.01 -14.81 21.82
C PHE D 109 -67.65 -14.61 22.47
N MET D 110 -66.60 -14.57 21.67
CA MET D 110 -65.30 -14.54 22.26
C MET D 110 -64.47 -13.41 21.68
N LEU D 111 -64.02 -12.51 22.55
CA LEU D 111 -63.25 -11.35 22.12
C LEU D 111 -61.81 -11.70 21.64
N LYS D 112 -61.34 -11.09 20.54
CA LYS D 112 -59.90 -11.09 20.17
C LYS D 112 -59.12 -9.96 20.90
N PRO D 113 -57.89 -10.22 21.32
CA PRO D 113 -57.12 -11.49 21.32
C PRO D 113 -57.65 -12.50 22.29
N PHE D 114 -57.59 -13.76 21.90
CA PHE D 114 -58.05 -14.84 22.76
C PHE D 114 -56.93 -15.86 22.82
N GLU D 115 -56.98 -16.80 23.75
CA GLU D 115 -55.99 -17.85 23.82
C GLU D 115 -56.52 -19.08 23.11
N PHE D 116 -55.70 -19.74 22.30
CA PHE D 116 -56.20 -20.82 21.43
C PHE D 116 -56.72 -22.01 22.23
N ASP D 117 -56.00 -22.35 23.29
CA ASP D 117 -56.38 -23.46 24.16
C ASP D 117 -57.66 -23.12 24.92
N ARG D 118 -57.87 -21.83 25.18
CA ARG D 118 -59.13 -21.36 25.78
C ARG D 118 -60.28 -21.41 24.78
N LEU D 119 -59.94 -21.16 23.51
CA LEU D 119 -60.89 -21.25 22.42
C LEU D 119 -61.32 -22.69 22.30
N ASP D 120 -60.32 -23.54 22.23
CA ASP D 120 -60.55 -24.96 22.16
C ASP D 120 -61.40 -25.53 23.33
N ASN D 121 -61.19 -25.06 24.56
CA ASN D 121 -62.04 -25.49 25.66
C ASN D 121 -63.50 -25.18 25.36
N GLN D 122 -63.76 -24.00 24.80
CA GLN D 122 -65.14 -23.64 24.48
C GLN D 122 -65.73 -24.41 23.28
N ILE D 123 -64.90 -24.78 22.30
CA ILE D 123 -65.40 -25.59 21.20
C ILE D 123 -65.86 -26.96 21.72
N LEU D 124 -65.06 -27.56 22.61
CA LEU D 124 -65.46 -28.82 23.26
C LEU D 124 -66.75 -28.60 24.03
N GLN D 125 -66.80 -27.49 24.73
CA GLN D 125 -67.90 -27.14 25.61
C GLN D 125 -69.25 -27.06 24.88
N VAL D 126 -69.30 -26.28 23.79
CA VAL D 126 -70.53 -26.10 23.03
C VAL D 126 -70.82 -27.23 22.06
N ALA D 127 -69.84 -28.07 21.74
CA ALA D 127 -70.08 -29.17 20.81
C ALA D 127 -70.99 -30.20 21.45
N GLY D 128 -71.20 -30.08 22.77
CA GLY D 128 -72.16 -30.91 23.49
C GLY D 128 -73.60 -30.44 23.30
N HIS D 129 -74.04 -30.44 22.03
CA HIS D 129 -75.45 -30.35 21.61
C HIS D 129 -75.55 -30.23 20.09
N GLU E 2 3.74 -40.76 8.29
CA GLU E 2 3.52 -39.33 8.07
C GLU E 2 4.67 -38.49 8.60
N LYS E 3 5.50 -38.01 7.68
CA LYS E 3 6.59 -37.12 8.03
C LYS E 3 6.05 -35.81 8.60
N ILE E 4 6.88 -35.11 9.37
CA ILE E 4 6.56 -33.76 9.83
C ILE E 4 6.93 -32.76 8.74
N LYS E 5 5.95 -32.02 8.25
CA LYS E 5 6.24 -31.08 7.16
C LYS E 5 6.76 -29.75 7.74
N VAL E 6 7.93 -29.33 7.29
CA VAL E 6 8.60 -28.12 7.80
C VAL E 6 8.83 -27.04 6.71
N ALA E 7 8.48 -25.79 7.04
CA ALA E 7 8.82 -24.65 6.18
C ALA E 7 9.84 -23.74 6.86
N ILE E 8 10.84 -23.31 6.10
CA ILE E 8 11.81 -22.37 6.61
C ILE E 8 11.68 -21.01 5.95
N ALA E 9 11.52 -19.96 6.75
CA ALA E 9 11.53 -18.59 6.24
C ALA E 9 12.66 -17.83 6.91
N ASP E 10 13.71 -17.53 6.16
CA ASP E 10 14.86 -16.83 6.71
C ASP E 10 15.62 -16.22 5.56
N ASP E 11 16.08 -14.98 5.72
CA ASP E 11 16.77 -14.32 4.60
C ASP E 11 18.23 -14.74 4.45
N ASN E 12 18.76 -15.46 5.44
CA ASN E 12 20.13 -15.97 5.36
C ASN E 12 20.24 -17.24 4.53
N LYS E 13 20.55 -17.14 3.23
CA LYS E 13 20.50 -18.31 2.34
C LYS E 13 21.41 -19.42 2.78
N GLU E 14 22.52 -19.07 3.42
CA GLU E 14 23.47 -20.06 3.87
C GLU E 14 22.87 -20.91 4.99
N LEU E 15 22.32 -20.23 6.00
CA LEU E 15 21.58 -20.89 7.05
C LEU E 15 20.48 -21.80 6.49
N VAL E 16 19.75 -21.31 5.48
CA VAL E 16 18.61 -22.05 4.94
C VAL E 16 19.05 -23.31 4.22
N LYS E 17 20.14 -23.24 3.48
CA LYS E 17 20.58 -24.43 2.73
C LYS E 17 21.06 -25.52 3.68
N THR E 18 21.97 -25.19 4.59
CA THR E 18 22.52 -26.19 5.48
C THR E 18 21.42 -26.74 6.39
N LEU E 19 20.49 -25.90 6.80
CA LEU E 19 19.39 -26.36 7.64
C LEU E 19 18.47 -27.32 6.85
N GLU E 20 17.93 -26.83 5.74
CA GLU E 20 17.21 -27.68 4.81
C GLU E 20 17.91 -29.02 4.55
N SER E 21 19.23 -28.97 4.37
CA SER E 21 20.00 -30.16 4.06
C SER E 21 20.05 -31.10 5.27
N TYR E 22 20.28 -30.56 6.46
CA TYR E 22 20.39 -31.35 7.68
C TYR E 22 19.06 -31.99 8.00
N LEU E 23 18.01 -31.16 8.08
CA LEU E 23 16.64 -31.64 8.34
C LEU E 23 16.15 -32.71 7.34
N ALA E 24 16.73 -32.72 6.14
CA ALA E 24 16.31 -33.63 5.09
C ALA E 24 16.66 -35.08 5.42
N ASP E 25 17.89 -35.30 5.90
CA ASP E 25 18.37 -36.65 6.20
C ASP E 25 17.67 -37.24 7.41
N HIS E 26 17.09 -36.38 8.24
CA HIS E 26 16.24 -36.84 9.31
C HIS E 26 15.02 -37.54 8.74
N PRO E 27 14.76 -38.78 9.21
CA PRO E 27 13.71 -39.62 8.64
C PRO E 27 12.28 -39.19 9.01
N GLN E 28 12.09 -38.43 10.08
CA GLN E 28 10.74 -38.02 10.45
C GLN E 28 10.34 -36.62 9.93
N ILE E 29 11.31 -35.93 9.34
CA ILE E 29 11.11 -34.56 8.90
C ILE E 29 11.26 -34.41 7.39
N GLU E 30 10.39 -33.59 6.78
CA GLU E 30 10.55 -33.18 5.39
C GLU E 30 10.43 -31.68 5.24
N VAL E 31 11.39 -31.04 4.59
CA VAL E 31 11.28 -29.62 4.33
C VAL E 31 10.51 -29.41 3.02
N ILE E 32 9.33 -28.79 3.08
CA ILE E 32 8.49 -28.75 1.89
C ILE E 32 8.62 -27.42 1.16
N THR E 33 8.86 -26.32 1.87
CA THR E 33 9.16 -25.03 1.24
C THR E 33 10.13 -24.17 2.07
N THR E 34 10.92 -23.36 1.39
CA THR E 34 11.80 -22.39 2.03
C THR E 34 11.47 -21.04 1.43
N ALA E 35 11.74 -19.96 2.14
CA ALA E 35 11.46 -18.65 1.61
C ALA E 35 12.48 -17.66 2.17
N PRO E 36 12.78 -16.62 1.39
CA PRO E 36 13.81 -15.67 1.85
C PRO E 36 13.21 -14.44 2.54
N ASN E 37 11.90 -14.23 2.44
CA ASN E 37 11.31 -13.15 3.21
C ASN E 37 9.85 -13.36 3.58
N GLY E 38 9.36 -12.39 4.35
CA GLY E 38 8.02 -12.38 4.88
C GLY E 38 6.92 -12.55 3.86
N LYS E 39 6.92 -11.73 2.80
CA LYS E 39 5.85 -11.82 1.83
C LYS E 39 5.92 -13.12 1.00
N VAL E 40 7.11 -13.66 0.76
CA VAL E 40 7.17 -14.88 -0.03
C VAL E 40 6.65 -16.10 0.74
N ILE E 41 7.07 -16.29 2.00
CA ILE E 41 6.52 -17.37 2.81
C ILE E 41 4.99 -17.30 2.99
N LEU E 42 4.41 -16.10 3.00
CA LEU E 42 2.95 -15.99 3.13
C LEU E 42 2.22 -16.51 1.87
N SER E 43 2.78 -16.23 0.70
CA SER E 43 2.26 -16.78 -0.56
C SER E 43 2.44 -18.29 -0.66
N LEU E 44 3.64 -18.77 -0.32
CA LEU E 44 3.94 -20.19 -0.45
C LEU E 44 3.16 -21.05 0.54
N MET E 45 2.59 -20.44 1.58
CA MET E 45 1.89 -21.25 2.55
C MET E 45 0.43 -21.50 2.20
N GLU E 46 -0.14 -20.71 1.30
CA GLU E 46 -1.55 -20.91 0.94
C GLU E 46 -1.83 -22.29 0.33
N ASN E 47 -2.82 -22.97 0.88
CA ASN E 47 -3.22 -24.30 0.41
C ASN E 47 -2.05 -25.27 0.43
N ASP E 48 -1.07 -24.96 1.27
CA ASP E 48 0.17 -25.72 1.39
C ASP E 48 0.78 -25.46 2.78
N LEU E 49 -0.02 -25.76 3.80
CA LEU E 49 0.32 -25.42 5.18
C LEU E 49 1.26 -26.45 5.81
N PRO E 50 2.39 -26.00 6.37
CA PRO E 50 3.29 -26.96 7.01
C PRO E 50 2.82 -27.38 8.42
N ASP E 51 3.38 -28.46 8.94
CA ASP E 51 3.15 -28.82 10.34
C ASP E 51 3.93 -27.87 11.26
N VAL E 52 5.17 -27.56 10.89
CA VAL E 52 5.99 -26.64 11.65
C VAL E 52 6.64 -25.58 10.74
N LEU E 53 6.55 -24.31 11.14
CA LEU E 53 7.14 -23.17 10.42
C LEU E 53 8.31 -22.59 11.22
N LEU E 54 9.49 -22.54 10.60
CA LEU E 54 10.66 -21.93 11.23
C LEU E 54 10.70 -20.51 10.71
N LEU E 55 10.46 -19.54 11.60
CA LEU E 55 10.18 -18.18 11.17
C LEU E 55 11.17 -17.15 11.72
N ASP E 56 12.10 -16.72 10.86
CA ASP E 56 13.07 -15.68 11.20
C ASP E 56 12.34 -14.38 11.47
N ILE E 57 12.58 -13.77 12.63
CA ILE E 57 11.86 -12.54 12.94
C ILE E 57 12.35 -11.38 12.07
N ILE E 58 13.65 -11.29 11.81
CA ILE E 58 14.16 -10.14 11.11
C ILE E 58 14.44 -10.47 9.65
N MET E 59 13.64 -9.87 8.76
CA MET E 59 13.60 -10.19 7.32
C MET E 59 13.25 -8.95 6.50
N PRO E 60 13.60 -8.95 5.21
CA PRO E 60 13.19 -7.86 4.31
C PRO E 60 11.68 -7.86 3.99
N HIS E 61 11.16 -6.66 3.68
CA HIS E 61 9.75 -6.42 3.34
C HIS E 61 8.75 -6.68 4.45
N LEU E 62 8.60 -7.94 4.88
CA LEU E 62 7.75 -8.26 6.02
C LEU E 62 8.52 -9.09 7.04
N ASP E 63 8.53 -8.65 8.29
CA ASP E 63 9.24 -9.42 9.30
C ASP E 63 8.33 -10.54 9.87
N GLY E 64 8.92 -11.43 10.66
CA GLY E 64 8.22 -12.56 11.22
C GLY E 64 6.98 -12.28 12.04
N LEU E 65 7.02 -11.26 12.89
CA LEU E 65 5.83 -10.89 13.63
C LEU E 65 4.73 -10.45 12.67
N ALA E 66 5.11 -9.71 11.62
CA ALA E 66 4.16 -9.32 10.55
C ALA E 66 3.52 -10.56 9.88
N VAL E 67 4.36 -11.53 9.51
CA VAL E 67 3.91 -12.81 8.95
C VAL E 67 2.95 -13.52 9.91
N LEU E 68 3.34 -13.56 11.17
CA LEU E 68 2.59 -14.27 12.18
C LEU E 68 1.17 -13.68 12.23
N GLU E 69 1.06 -12.37 12.33
CA GLU E 69 -0.25 -11.74 12.38
C GLU E 69 -1.05 -11.88 11.07
N MET E 70 -0.35 -11.88 9.93
CA MET E 70 -1.08 -11.94 8.67
C MET E 70 -1.59 -13.35 8.38
N MET E 71 -1.01 -14.34 9.06
CA MET E 71 -1.47 -15.72 8.93
C MET E 71 -2.89 -15.95 9.52
N GLN E 72 -3.34 -15.05 10.38
CA GLN E 72 -4.67 -15.17 10.97
C GLN E 72 -5.79 -15.06 9.94
N ALA E 73 -5.54 -14.35 8.86
CA ALA E 73 -6.58 -14.09 7.90
C ALA E 73 -7.02 -15.35 7.13
N ASN E 74 -6.09 -16.26 6.80
CA ASN E 74 -6.48 -17.43 6.01
C ASN E 74 -5.90 -18.78 6.41
N GLU E 75 -4.93 -18.79 7.31
CA GLU E 75 -4.34 -20.07 7.65
C GLU E 75 -4.93 -20.59 8.97
N ASN E 76 -5.02 -21.91 9.10
CA ASN E 76 -5.42 -22.52 10.35
C ASN E 76 -4.23 -22.64 11.30
N LEU E 77 -4.11 -21.68 12.20
CA LEU E 77 -2.97 -21.58 13.10
C LEU E 77 -2.89 -22.66 14.21
N SER E 78 -3.94 -23.45 14.35
CA SER E 78 -3.87 -24.67 15.18
C SER E 78 -3.12 -25.79 14.49
N LYS E 79 -3.03 -25.73 13.16
CA LYS E 79 -2.31 -26.73 12.38
C LYS E 79 -0.85 -26.36 12.16
N VAL E 80 -0.47 -25.13 12.49
CA VAL E 80 0.93 -24.73 12.37
C VAL E 80 1.54 -24.52 13.74
N GLN E 81 2.65 -25.20 13.99
CA GLN E 81 3.47 -24.87 15.14
C GLN E 81 4.56 -23.92 14.68
N VAL E 82 4.44 -22.67 15.06
CA VAL E 82 5.41 -21.67 14.67
C VAL E 82 6.53 -21.52 15.71
N ILE E 83 7.76 -21.79 15.26
CA ILE E 83 8.95 -21.52 16.06
C ILE E 83 9.66 -20.27 15.54
N MET E 84 9.70 -19.21 16.36
CA MET E 84 10.42 -17.98 16.01
C MET E 84 11.91 -18.19 16.16
N LEU E 85 12.67 -17.72 15.18
CA LEU E 85 14.11 -17.67 15.29
C LEU E 85 14.59 -16.22 15.15
N THR E 86 15.58 -15.83 15.96
CA THR E 86 16.22 -14.51 15.86
C THR E 86 17.45 -14.38 16.75
N ALA E 87 18.26 -13.35 16.49
CA ALA E 87 19.37 -13.00 17.37
C ALA E 87 18.99 -11.77 18.18
N PHE E 88 17.87 -11.16 17.80
CA PHE E 88 17.38 -9.98 18.50
C PHE E 88 16.43 -10.43 19.63
N GLY E 89 16.97 -10.79 20.78
CA GLY E 89 16.15 -11.36 21.83
C GLY E 89 15.59 -10.37 22.85
N GLN E 90 15.04 -9.26 22.37
CA GLN E 90 14.44 -8.25 23.22
C GLN E 90 13.18 -8.88 23.79
N GLU E 91 12.70 -8.44 24.96
CA GLU E 91 11.72 -9.25 25.71
C GLU E 91 10.25 -8.90 25.45
N ASP E 92 9.96 -7.70 24.99
CA ASP E 92 8.81 -7.56 24.12
C ASP E 92 9.25 -8.31 22.86
N VAL E 93 8.44 -8.37 21.82
CA VAL E 93 8.78 -9.25 20.69
C VAL E 93 8.53 -10.69 21.09
N MET E 94 9.22 -11.18 22.13
CA MET E 94 8.82 -12.45 22.74
C MET E 94 7.40 -12.39 23.25
N LYS E 95 7.07 -11.32 23.97
CA LYS E 95 5.73 -11.15 24.48
C LYS E 95 4.75 -11.07 23.33
N GLN E 96 5.10 -10.26 22.33
CA GLN E 96 4.33 -10.18 21.09
C GLN E 96 4.20 -11.53 20.38
N ALA E 97 5.32 -12.25 20.26
CA ALA E 97 5.31 -13.56 19.62
C ALA E 97 4.33 -14.52 20.28
N VAL E 98 4.27 -14.51 21.63
CA VAL E 98 3.35 -15.39 22.33
C VAL E 98 1.91 -14.92 22.11
N ASP E 99 1.69 -13.61 22.11
CA ASP E 99 0.34 -13.06 21.90
C ASP E 99 -0.21 -13.38 20.52
N LEU E 100 0.69 -13.53 19.54
CA LEU E 100 0.31 -13.84 18.15
C LEU E 100 0.27 -15.34 17.87
N GLY E 101 0.47 -16.15 18.89
CA GLY E 101 0.31 -17.58 18.76
C GLY E 101 1.53 -18.43 18.45
N ALA E 102 2.74 -17.90 18.65
CA ALA E 102 3.95 -18.67 18.41
C ALA E 102 4.04 -19.82 19.41
N SER E 103 4.51 -20.97 18.94
CA SER E 103 4.68 -22.15 19.79
C SER E 103 5.94 -22.03 20.65
N TYR E 104 7.02 -21.60 20.00
CA TYR E 104 8.31 -21.55 20.67
C TYR E 104 9.12 -20.41 20.12
N PHE E 105 10.21 -20.11 20.80
CA PHE E 105 11.08 -18.99 20.50
C PHE E 105 12.50 -19.49 20.77
N MET E 106 13.43 -19.21 19.87
CA MET E 106 14.76 -19.81 19.97
C MET E 106 15.87 -18.91 19.37
N LEU E 107 16.88 -18.57 20.15
CA LEU E 107 17.85 -17.55 19.71
C LEU E 107 18.99 -18.09 18.86
N LYS E 108 19.51 -17.23 17.99
CA LYS E 108 20.69 -17.52 17.20
C LYS E 108 21.90 -17.01 17.94
N PRO E 109 23.04 -17.74 17.83
CA PRO E 109 23.18 -19.05 17.20
C PRO E 109 22.60 -20.17 18.05
N PHE E 110 22.10 -21.20 17.38
CA PHE E 110 21.52 -22.32 18.08
C PHE E 110 22.13 -23.59 17.53
N GLU E 111 22.06 -24.68 18.28
CA GLU E 111 22.50 -25.98 17.78
C GLU E 111 21.41 -26.66 16.94
N PHE E 112 21.76 -27.08 15.72
CA PHE E 112 20.83 -27.81 14.83
C PHE E 112 20.17 -28.99 15.55
N ASP E 113 21.01 -29.80 16.17
CA ASP E 113 20.66 -30.78 17.19
C ASP E 113 19.40 -30.41 17.97
N ARG E 114 19.43 -29.21 18.57
CA ARG E 114 18.38 -28.76 19.49
C ARG E 114 17.15 -28.16 18.78
N LEU E 115 17.34 -27.63 17.58
CA LEU E 115 16.19 -27.20 16.78
C LEU E 115 15.35 -28.41 16.39
N VAL E 116 15.99 -29.43 15.82
CA VAL E 116 15.32 -30.67 15.47
C VAL E 116 14.50 -31.20 16.65
N ASN E 117 15.12 -31.20 17.82
CA ASN E 117 14.47 -31.73 19.01
C ASN E 117 13.23 -30.95 19.39
N GLN E 118 13.25 -29.64 19.14
CA GLN E 118 12.07 -28.84 19.46
C GLN E 118 11.05 -28.90 18.33
N ILE E 119 11.49 -29.31 17.15
CA ILE E 119 10.54 -29.54 16.07
C ILE E 119 9.72 -30.80 16.38
N LEU E 120 10.41 -31.90 16.70
CA LEU E 120 9.74 -33.13 17.14
C LEU E 120 8.87 -32.88 18.36
N GLN E 121 9.38 -32.05 19.27
CA GLN E 121 8.66 -31.70 20.50
C GLN E 121 7.30 -31.06 20.26
N VAL E 122 7.32 -29.97 19.48
CA VAL E 122 6.15 -29.15 19.25
C VAL E 122 5.18 -29.79 18.26
N ALA E 123 5.64 -30.82 17.57
CA ALA E 123 4.81 -31.50 16.58
C ALA E 123 4.16 -32.75 17.21
N GLY E 124 4.78 -33.26 18.27
CA GLY E 124 4.22 -34.37 19.02
C GLY E 124 2.88 -34.02 19.63
N MET F 1 3.69 17.66 24.10
CA MET F 1 2.29 18.00 23.87
C MET F 1 1.48 16.75 23.53
N GLU F 2 0.92 16.74 22.32
CA GLU F 2 0.49 15.50 21.70
C GLU F 2 1.56 15.24 20.66
N LYS F 3 1.29 14.30 19.76
CA LYS F 3 2.26 13.89 18.74
C LYS F 3 3.45 13.18 19.33
N ILE F 4 3.68 11.97 18.86
CA ILE F 4 4.94 11.26 19.06
C ILE F 4 6.08 11.91 18.30
N LYS F 5 7.06 12.47 19.00
CA LYS F 5 8.19 13.13 18.32
C LYS F 5 9.24 12.13 17.80
N VAL F 6 9.38 12.06 16.48
CA VAL F 6 10.30 11.13 15.84
C VAL F 6 11.55 11.81 15.26
N ALA F 7 12.72 11.23 15.55
CA ALA F 7 13.98 11.65 14.90
C ALA F 7 14.47 10.55 13.96
N ILE F 8 15.10 10.93 12.84
CA ILE F 8 15.66 9.92 11.94
C ILE F 8 17.16 10.18 11.66
N ALA F 9 17.99 9.17 11.90
CA ALA F 9 19.39 9.25 11.55
C ALA F 9 19.73 8.19 10.51
N ASP F 10 20.00 8.62 9.28
CA ASP F 10 20.33 7.72 8.19
C ASP F 10 21.09 8.50 7.11
N ASP F 11 22.03 7.83 6.44
CA ASP F 11 22.85 8.51 5.45
C ASP F 11 22.26 8.33 4.04
N ASN F 12 21.14 7.63 3.97
CA ASN F 12 20.40 7.47 2.72
C ASN F 12 19.40 8.60 2.60
N LYS F 13 19.76 9.60 1.81
CA LYS F 13 18.92 10.79 1.67
C LYS F 13 17.55 10.47 1.08
N GLU F 14 17.53 9.66 0.03
CA GLU F 14 16.30 9.22 -0.62
C GLU F 14 15.29 8.58 0.35
N LEU F 15 15.81 7.77 1.27
CA LEU F 15 14.95 7.07 2.20
C LEU F 15 14.33 8.06 3.20
N VAL F 16 15.18 8.96 3.69
CA VAL F 16 14.77 9.95 4.68
C VAL F 16 13.72 10.90 4.10
N LYS F 17 13.93 11.33 2.85
CA LYS F 17 12.94 12.08 2.07
C LYS F 17 11.55 11.45 2.05
N THR F 18 11.46 10.22 1.55
CA THR F 18 10.18 9.56 1.35
C THR F 18 9.56 9.20 2.69
N LEU F 19 10.38 8.88 3.67
CA LEU F 19 9.87 8.62 5.00
C LEU F 19 9.28 9.90 5.61
N GLU F 20 10.01 11.01 5.48
CA GLU F 20 9.54 12.28 5.96
C GLU F 20 8.26 12.73 5.23
N SER F 21 8.29 12.50 3.92
CA SER F 21 7.15 12.75 3.07
C SER F 21 5.94 11.87 3.46
N TYR F 22 6.16 10.59 3.73
CA TYR F 22 5.09 9.66 4.00
C TYR F 22 4.43 9.96 5.33
N LEU F 23 5.24 10.39 6.30
CA LEU F 23 4.78 10.65 7.66
C LEU F 23 4.29 12.08 7.91
N ALA F 24 4.53 13.00 6.98
CA ALA F 24 4.00 14.38 7.07
C ALA F 24 2.53 14.36 7.51
N ASP F 25 1.85 13.34 7.01
CA ASP F 25 0.42 13.21 7.03
C ASP F 25 -0.13 12.56 8.32
N HIS F 26 0.75 12.00 9.14
CA HIS F 26 0.29 11.14 10.23
C HIS F 26 -0.29 11.90 11.43
N PRO F 27 -1.42 11.42 11.95
CA PRO F 27 -2.14 12.11 13.03
C PRO F 27 -1.54 11.95 14.44
N GLN F 28 -0.70 10.94 14.68
CA GLN F 28 0.00 10.86 15.96
C GLN F 28 1.50 11.17 15.85
N ILE F 29 2.04 11.18 14.64
CA ILE F 29 3.49 11.25 14.47
C ILE F 29 4.01 12.56 13.86
N GLU F 30 4.99 13.15 14.52
CA GLU F 30 5.68 14.33 14.03
C GLU F 30 7.17 14.03 13.87
N VAL F 31 7.66 13.94 12.63
CA VAL F 31 9.09 13.86 12.42
C VAL F 31 9.72 15.23 12.68
N ILE F 32 10.47 15.35 13.76
CA ILE F 32 10.96 16.67 14.14
C ILE F 32 12.36 16.93 13.59
N THR F 33 13.11 15.87 13.36
CA THR F 33 14.54 15.95 13.14
C THR F 33 15.07 14.83 12.23
N THR F 34 15.88 15.20 11.23
CA THR F 34 16.62 14.21 10.46
C THR F 34 18.12 14.50 10.49
N ALA F 35 18.94 13.46 10.41
CA ALA F 35 20.38 13.66 10.40
C ALA F 35 21.04 12.66 9.47
N PRO F 36 22.13 13.07 8.82
CA PRO F 36 22.71 12.11 7.87
C PRO F 36 23.76 11.22 8.52
N ASN F 37 24.12 11.51 9.78
CA ASN F 37 25.10 10.69 10.50
C ASN F 37 24.96 10.83 12.01
N GLY F 38 25.71 9.99 12.74
CA GLY F 38 25.63 9.89 14.19
C GLY F 38 26.04 11.12 15.01
N LYS F 39 27.04 11.85 14.56
CA LYS F 39 27.49 13.02 15.31
C LYS F 39 26.43 14.13 15.29
N VAL F 40 25.77 14.26 14.15
CA VAL F 40 24.79 15.33 13.98
C VAL F 40 23.54 15.09 14.81
N ILE F 41 23.09 13.84 14.83
CA ILE F 41 21.84 13.48 15.51
C ILE F 41 21.96 13.58 17.04
N LEU F 42 23.11 13.22 17.62
CA LEU F 42 23.34 13.43 19.05
C LEU F 42 23.26 14.93 19.34
N SER F 43 23.81 15.70 18.43
CA SER F 43 23.86 17.14 18.59
C SER F 43 22.44 17.74 18.51
N LEU F 44 21.64 17.30 17.54
CA LEU F 44 20.28 17.80 17.39
C LEU F 44 19.34 17.28 18.49
N MET F 45 19.64 16.12 19.03
CA MET F 45 18.74 15.53 20.00
C MET F 45 18.82 16.22 21.35
N GLU F 46 19.98 16.73 21.71
CA GLU F 46 20.11 17.46 22.96
C GLU F 46 19.32 18.77 22.89
N ASN F 47 19.22 19.34 21.69
CA ASN F 47 18.34 20.50 21.47
C ASN F 47 16.87 20.16 21.67
N ASP F 48 16.40 19.17 20.91
CA ASP F 48 14.99 18.80 20.94
C ASP F 48 14.81 17.29 21.14
N LEU F 49 14.55 16.89 22.38
CA LEU F 49 14.44 15.49 22.72
C LEU F 49 13.22 14.81 22.10
N PRO F 50 13.46 13.80 21.24
CA PRO F 50 12.35 13.09 20.62
C PRO F 50 11.91 11.91 21.49
N ASP F 51 10.82 11.25 21.10
CA ASP F 51 10.33 10.10 21.83
C ASP F 51 10.80 8.81 21.17
N VAL F 52 10.81 8.80 19.84
CA VAL F 52 11.26 7.65 19.07
C VAL F 52 12.39 8.09 18.14
N LEU F 53 13.44 7.28 18.06
CA LEU F 53 14.54 7.54 17.12
C LEU F 53 14.63 6.36 16.16
N LEU F 54 14.66 6.64 14.86
CA LEU F 54 14.99 5.62 13.88
C LEU F 54 16.48 5.74 13.55
N LEU F 55 17.24 4.74 13.99
CA LEU F 55 18.69 4.84 13.92
C LEU F 55 19.28 3.81 12.97
N ASP F 56 19.82 4.30 11.87
CA ASP F 56 20.61 3.50 10.94
C ASP F 56 21.86 2.98 11.66
N ILE F 57 22.23 1.74 11.39
CA ILE F 57 23.41 1.17 12.03
C ILE F 57 24.67 1.64 11.32
N ILE F 58 24.61 1.66 10.00
CA ILE F 58 25.81 2.03 9.25
C ILE F 58 25.71 3.44 8.69
N MET F 59 26.48 4.33 9.32
CA MET F 59 26.52 5.77 9.02
C MET F 59 27.96 6.26 9.12
N PRO F 60 28.35 7.27 8.32
CA PRO F 60 29.71 7.82 8.43
C PRO F 60 29.89 8.56 9.76
N HIS F 61 31.13 8.96 10.07
CA HIS F 61 31.46 9.72 11.29
C HIS F 61 31.24 8.95 12.59
N LEU F 62 29.99 8.55 12.81
CA LEU F 62 29.61 7.82 14.00
C LEU F 62 28.45 6.91 13.66
N ASP F 63 28.63 5.61 13.86
CA ASP F 63 27.60 4.66 13.47
C ASP F 63 26.52 4.46 14.55
N GLY F 64 25.43 3.79 14.17
CA GLY F 64 24.28 3.58 15.03
C GLY F 64 24.55 2.99 16.41
N LEU F 65 25.42 1.99 16.48
CA LEU F 65 25.77 1.34 17.75
C LEU F 65 26.54 2.26 18.68
N ALA F 66 27.41 3.11 18.14
CA ALA F 66 28.12 4.10 18.96
C ALA F 66 27.14 5.13 19.57
N VAL F 67 26.27 5.69 18.73
CA VAL F 67 25.20 6.57 19.18
C VAL F 67 24.38 5.94 20.30
N LEU F 68 23.97 4.69 20.07
CA LEU F 68 23.12 3.96 21.00
C LEU F 68 23.81 3.79 22.35
N GLU F 69 25.08 3.41 22.32
CA GLU F 69 25.87 3.31 23.54
C GLU F 69 25.92 4.67 24.24
N MET F 70 26.20 5.72 23.47
CA MET F 70 26.26 7.05 24.06
C MET F 70 24.89 7.47 24.59
N MET F 71 23.82 7.14 23.87
CA MET F 71 22.50 7.54 24.31
C MET F 71 22.09 6.93 25.62
N GLN F 72 22.53 5.71 25.86
CA GLN F 72 22.10 4.99 27.06
C GLN F 72 22.86 5.45 28.30
N ALA F 73 23.98 6.13 28.10
CA ALA F 73 24.81 6.60 29.21
C ALA F 73 24.44 8.02 29.58
N ASN F 74 23.52 8.61 28.82
CA ASN F 74 22.99 9.93 29.13
C ASN F 74 21.59 9.80 29.78
N GLU F 75 21.37 10.57 30.83
CA GLU F 75 20.12 10.50 31.60
C GLU F 75 18.92 10.82 30.70
N ASN F 76 19.02 11.93 29.97
CA ASN F 76 17.94 12.43 29.12
C ASN F 76 17.75 11.60 27.87
N LEU F 77 18.85 11.23 27.22
CA LEU F 77 18.80 10.55 25.94
C LEU F 77 18.35 9.10 26.07
N SER F 78 18.57 8.52 27.25
CA SER F 78 18.28 7.11 27.49
C SER F 78 16.79 6.81 27.59
N LYS F 79 15.98 7.86 27.67
CA LYS F 79 14.53 7.69 27.70
C LYS F 79 13.94 7.66 26.30
N VAL F 80 14.79 7.91 25.30
CA VAL F 80 14.36 7.79 23.91
C VAL F 80 14.23 6.32 23.49
N GLN F 81 13.08 5.99 22.94
CA GLN F 81 12.85 4.66 22.36
C GLN F 81 13.52 4.60 20.99
N VAL F 82 14.32 3.58 20.77
CA VAL F 82 15.15 3.56 19.59
C VAL F 82 14.93 2.29 18.72
N ILE F 83 14.61 2.51 17.44
CA ILE F 83 14.44 1.41 16.49
C ILE F 83 15.61 1.38 15.51
N MET F 84 16.28 0.23 15.43
CA MET F 84 17.42 0.06 14.54
C MET F 84 16.96 -0.22 13.12
N LEU F 85 17.66 0.38 12.17
CA LEU F 85 17.40 0.19 10.75
C LEU F 85 18.72 -0.22 10.11
N THR F 86 18.71 -1.23 9.23
CA THR F 86 19.93 -1.59 8.48
C THR F 86 19.73 -2.67 7.41
N ALA F 87 20.66 -2.76 6.47
CA ALA F 87 20.62 -3.87 5.54
C ALA F 87 21.68 -4.87 5.93
N PHE F 88 22.56 -4.45 6.83
CA PHE F 88 23.67 -5.26 7.29
C PHE F 88 23.20 -6.18 8.43
N GLY F 89 22.44 -7.23 8.11
CA GLY F 89 21.86 -8.04 9.17
C GLY F 89 22.73 -9.19 9.68
N GLN F 90 23.73 -8.90 10.52
CA GLN F 90 24.64 -9.92 11.05
C GLN F 90 24.18 -10.31 12.44
N GLU F 91 24.20 -11.61 12.76
CA GLU F 91 23.65 -12.11 14.04
C GLU F 91 24.30 -11.39 15.19
N ASP F 92 25.61 -11.29 15.16
CA ASP F 92 26.28 -10.41 16.09
C ASP F 92 26.28 -9.02 15.46
N VAL F 93 25.69 -8.07 16.17
CA VAL F 93 25.23 -6.73 15.73
C VAL F 93 23.79 -6.58 16.18
N MET F 94 22.96 -7.54 15.79
CA MET F 94 21.65 -7.66 16.38
C MET F 94 21.81 -7.85 17.86
N LYS F 95 22.77 -8.69 18.27
CA LYS F 95 22.98 -8.91 19.69
C LYS F 95 23.44 -7.64 20.41
N GLN F 96 24.33 -6.87 19.78
CA GLN F 96 24.84 -5.66 20.44
C GLN F 96 23.70 -4.64 20.60
N ALA F 97 22.80 -4.59 19.62
CA ALA F 97 21.66 -3.68 19.67
C ALA F 97 20.75 -3.93 20.88
N VAL F 98 20.47 -5.22 21.16
CA VAL F 98 19.66 -5.59 22.30
C VAL F 98 20.38 -5.25 23.59
N ASP F 99 21.66 -5.65 23.65
CA ASP F 99 22.48 -5.36 24.81
C ASP F 99 22.51 -3.88 25.13
N LEU F 100 22.51 -3.04 24.10
CA LEU F 100 22.55 -1.59 24.29
C LEU F 100 21.16 -0.92 24.40
N GLY F 101 20.08 -1.70 24.51
CA GLY F 101 18.78 -1.11 24.78
C GLY F 101 17.95 -0.62 23.60
N ALA F 102 18.15 -1.22 22.43
CA ALA F 102 17.26 -0.95 21.30
C ALA F 102 15.91 -1.63 21.50
N SER F 103 14.82 -0.92 21.20
CA SER F 103 13.47 -1.48 21.35
C SER F 103 13.10 -2.44 20.21
N TYR F 104 13.57 -2.15 19.01
CA TYR F 104 13.20 -2.96 17.87
C TYR F 104 14.30 -2.88 16.81
N PHE F 105 14.12 -3.64 15.74
CA PHE F 105 15.17 -3.82 14.75
C PHE F 105 14.52 -4.21 13.42
N MET F 106 14.62 -3.38 12.40
CA MET F 106 14.01 -3.72 11.11
C MET F 106 15.03 -3.75 9.98
N LEU F 107 14.92 -4.74 9.12
CA LEU F 107 15.80 -4.86 7.98
C LEU F 107 15.30 -4.02 6.81
N LYS F 108 16.19 -3.21 6.24
CA LYS F 108 15.93 -2.60 4.93
C LYS F 108 15.98 -3.68 3.85
N PRO F 109 15.05 -3.66 2.90
CA PRO F 109 13.89 -2.76 2.80
C PRO F 109 12.77 -3.21 3.72
N PHE F 110 11.96 -2.25 4.18
CA PHE F 110 10.83 -2.53 5.06
C PHE F 110 9.61 -1.84 4.52
N GLU F 111 8.42 -2.34 4.83
CA GLU F 111 7.18 -1.63 4.49
C GLU F 111 6.99 -0.45 5.45
N PHE F 112 6.69 0.73 4.91
CA PHE F 112 6.47 1.93 5.74
C PHE F 112 5.36 1.74 6.78
N ASP F 113 4.28 1.07 6.40
CA ASP F 113 3.15 0.96 7.34
C ASP F 113 3.54 0.10 8.55
N ARG F 114 4.49 -0.83 8.36
CA ARG F 114 5.00 -1.68 9.45
C ARG F 114 5.99 -0.94 10.33
N LEU F 115 6.78 -0.03 9.75
CA LEU F 115 7.61 0.83 10.58
C LEU F 115 6.74 1.71 11.47
N VAL F 116 5.74 2.35 10.87
CA VAL F 116 4.75 3.13 11.61
C VAL F 116 4.11 2.33 12.75
N ASN F 117 3.70 1.10 12.47
CA ASN F 117 3.10 0.22 13.47
C ASN F 117 4.06 0.04 14.65
N GLN F 118 5.33 -0.11 14.31
CA GLN F 118 6.40 -0.23 15.28
C GLN F 118 6.65 1.04 16.09
N ILE F 119 6.67 2.20 15.43
CA ILE F 119 6.77 3.48 16.13
C ILE F 119 5.67 3.62 17.20
N LEU F 120 4.44 3.24 16.86
CA LEU F 120 3.30 3.30 17.77
C LEU F 120 3.47 2.36 18.94
N GLN F 121 3.92 1.15 18.61
CA GLN F 121 4.17 0.09 19.59
C GLN F 121 5.09 0.56 20.74
N VAL F 122 6.21 1.16 20.40
CA VAL F 122 7.21 1.55 21.38
C VAL F 122 6.96 2.91 22.06
N ALA F 123 6.03 3.71 21.53
CA ALA F 123 5.81 5.04 22.08
C ALA F 123 4.87 5.04 23.31
N GLY F 124 4.80 6.18 24.00
CA GLY F 124 3.87 6.39 25.08
C GLY F 124 4.46 6.51 26.48
N HIS F 125 5.61 5.86 26.71
CA HIS F 125 6.23 5.87 28.04
C HIS F 125 7.63 6.47 27.97
N GLU G 2 30.47 26.32 -48.61
CA GLU G 2 30.68 25.55 -47.38
C GLU G 2 32.03 24.84 -47.37
N LYS G 3 33.09 25.64 -47.45
CA LYS G 3 34.45 25.13 -47.31
C LYS G 3 35.09 25.76 -46.09
N ILE G 4 36.14 25.12 -45.56
CA ILE G 4 36.97 25.71 -44.50
C ILE G 4 37.88 26.79 -45.09
N LYS G 5 37.55 28.04 -44.82
CA LYS G 5 38.28 29.19 -45.37
C LYS G 5 39.60 29.47 -44.65
N VAL G 6 40.72 29.35 -45.37
CA VAL G 6 42.04 29.61 -44.78
C VAL G 6 42.64 30.89 -45.34
N ALA G 7 43.12 31.76 -44.47
CA ALA G 7 43.89 32.93 -44.89
C ALA G 7 45.34 32.74 -44.47
N ILE G 8 46.27 33.27 -45.24
CA ILE G 8 47.70 33.13 -44.98
C ILE G 8 48.41 34.49 -44.98
N ALA G 9 49.11 34.79 -43.87
CA ALA G 9 49.92 35.99 -43.76
C ALA G 9 51.38 35.61 -43.47
N ASP G 10 52.23 35.86 -44.46
CA ASP G 10 53.64 35.54 -44.37
C ASP G 10 54.43 36.30 -45.46
N ASP G 11 55.57 36.87 -45.07
CA ASP G 11 56.40 37.62 -46.01
C ASP G 11 57.41 36.72 -46.73
N ASN G 12 57.30 35.41 -46.54
CA ASN G 12 58.04 34.45 -47.36
C ASN G 12 57.16 33.97 -48.52
N LYS G 13 57.48 34.39 -49.74
CA LYS G 13 56.59 34.12 -50.86
C LYS G 13 56.64 32.69 -51.34
N GLU G 14 57.82 32.07 -51.27
CA GLU G 14 57.93 30.64 -51.55
C GLU G 14 57.09 29.77 -50.60
N LEU G 15 56.97 30.17 -49.33
CA LEU G 15 56.10 29.47 -48.38
C LEU G 15 54.62 29.59 -48.77
N VAL G 16 54.19 30.84 -48.97
CA VAL G 16 52.84 31.13 -49.38
C VAL G 16 52.45 30.34 -50.65
N LYS G 17 53.26 30.47 -51.70
CA LYS G 17 52.93 29.85 -52.97
C LYS G 17 52.92 28.33 -52.83
N THR G 18 53.80 27.79 -52.00
CA THR G 18 53.85 26.33 -51.82
C THR G 18 52.63 25.82 -51.06
N LEU G 19 52.13 26.61 -50.12
CA LEU G 19 50.90 26.27 -49.44
C LEU G 19 49.71 26.40 -50.37
N GLU G 20 49.57 27.57 -51.00
CA GLU G 20 48.49 27.81 -51.94
C GLU G 20 48.39 26.73 -53.02
N SER G 21 49.54 26.22 -53.44
CA SER G 21 49.55 25.16 -54.45
C SER G 21 49.08 23.83 -53.86
N TYR G 22 49.72 23.42 -52.76
CA TYR G 22 49.42 22.12 -52.15
C TYR G 22 47.96 21.99 -51.71
N LEU G 23 47.35 23.11 -51.30
CA LEU G 23 45.99 23.11 -50.75
C LEU G 23 44.88 23.36 -51.79
N ALA G 24 45.25 23.67 -53.03
CA ALA G 24 44.26 23.77 -54.10
C ALA G 24 43.65 22.38 -54.33
N ASP G 25 44.52 21.38 -54.18
CA ASP G 25 44.16 19.98 -54.09
C ASP G 25 42.87 19.69 -53.29
N HIS G 26 42.76 20.33 -52.13
CA HIS G 26 41.94 19.84 -51.03
C HIS G 26 40.44 20.17 -51.08
N PRO G 27 39.58 19.16 -50.93
CA PRO G 27 38.12 19.32 -51.00
C PRO G 27 37.47 20.12 -49.87
N GLN G 28 38.13 20.23 -48.72
CA GLN G 28 37.55 20.91 -47.56
C GLN G 28 38.14 22.30 -47.33
N ILE G 29 39.35 22.50 -47.83
CA ILE G 29 40.13 23.67 -47.50
C ILE G 29 40.29 24.61 -48.69
N GLU G 30 39.94 25.86 -48.45
CA GLU G 30 40.01 26.90 -49.46
C GLU G 30 40.94 28.03 -49.04
N VAL G 31 42.06 28.22 -49.74
CA VAL G 31 42.85 29.41 -49.43
C VAL G 31 42.22 30.59 -50.14
N ILE G 32 41.50 31.42 -49.38
CA ILE G 32 40.71 32.49 -49.94
C ILE G 32 41.55 33.76 -50.07
N THR G 33 42.56 33.85 -49.22
CA THR G 33 43.31 35.10 -49.02
C THR G 33 44.77 34.84 -48.65
N THR G 34 45.68 35.60 -49.26
CA THR G 34 47.07 35.68 -48.77
C THR G 34 47.49 37.13 -48.70
N ALA G 35 48.57 37.38 -47.94
CA ALA G 35 49.09 38.73 -47.74
C ALA G 35 50.54 38.65 -47.26
N PRO G 36 51.37 39.62 -47.69
CA PRO G 36 52.80 39.67 -47.34
C PRO G 36 53.13 40.32 -46.01
N ASN G 37 52.17 40.99 -45.38
CA ASN G 37 52.41 41.62 -44.08
C ASN G 37 51.13 41.84 -43.28
N GLY G 38 51.25 42.43 -42.10
CA GLY G 38 50.13 42.51 -41.17
C GLY G 38 49.05 43.52 -41.47
N LYS G 39 49.41 44.65 -42.06
CA LYS G 39 48.43 45.65 -42.44
C LYS G 39 47.48 45.09 -43.50
N VAL G 40 48.05 44.49 -44.53
CA VAL G 40 47.26 43.87 -45.59
C VAL G 40 46.32 42.79 -45.05
N ILE G 41 46.82 41.89 -44.19
CA ILE G 41 45.98 40.79 -43.76
C ILE G 41 44.81 41.27 -42.90
N LEU G 42 44.93 42.43 -42.26
CA LEU G 42 43.78 42.94 -41.51
C LEU G 42 42.67 43.45 -42.45
N SER G 43 43.04 44.18 -43.50
CA SER G 43 42.10 44.56 -44.56
C SER G 43 41.34 43.39 -45.16
N LEU G 44 42.09 42.54 -45.85
CA LEU G 44 41.52 41.47 -46.66
C LEU G 44 40.62 40.54 -45.85
N MET G 45 40.93 40.39 -44.58
CA MET G 45 40.10 39.54 -43.72
C MET G 45 38.72 40.15 -43.48
N GLU G 46 38.57 41.46 -43.62
CA GLU G 46 37.27 42.07 -43.42
C GLU G 46 36.44 42.14 -44.67
N ASN G 47 37.02 41.70 -45.78
CA ASN G 47 36.22 41.21 -46.88
C ASN G 47 35.68 39.88 -46.43
N ASP G 48 36.06 38.83 -47.15
CA ASP G 48 35.75 37.48 -46.73
C ASP G 48 36.46 37.11 -45.42
N LEU G 49 35.67 36.71 -44.43
CA LEU G 49 36.24 36.33 -43.14
C LEU G 49 36.69 34.88 -43.19
N PRO G 50 37.93 34.61 -42.73
CA PRO G 50 38.39 33.23 -42.77
C PRO G 50 38.01 32.48 -41.49
N ASP G 51 38.08 31.16 -41.56
CA ASP G 51 37.87 30.33 -40.39
C ASP G 51 39.21 30.10 -39.69
N VAL G 52 40.24 29.82 -40.48
CA VAL G 52 41.58 29.59 -39.97
C VAL G 52 42.56 30.58 -40.57
N LEU G 53 43.37 31.21 -39.72
CA LEU G 53 44.41 32.14 -40.18
C LEU G 53 45.79 31.54 -39.88
N LEU G 54 46.59 31.36 -40.93
CA LEU G 54 48.01 30.99 -40.74
C LEU G 54 48.81 32.27 -40.66
N LEU G 55 49.32 32.58 -39.47
CA LEU G 55 49.91 33.89 -39.20
C LEU G 55 51.41 33.81 -38.86
N ASP G 56 52.22 34.38 -39.73
CA ASP G 56 53.63 34.53 -39.45
C ASP G 56 53.81 35.54 -38.31
N ILE G 57 54.84 35.35 -37.49
CA ILE G 57 55.11 36.30 -36.43
C ILE G 57 55.96 37.48 -36.95
N ILE G 58 57.04 37.18 -37.66
CA ILE G 58 57.92 38.27 -38.10
C ILE G 58 57.57 38.75 -39.53
N MET G 59 56.92 39.92 -39.59
CA MET G 59 56.49 40.51 -40.85
C MET G 59 56.83 41.98 -40.89
N PRO G 60 57.04 42.53 -42.10
CA PRO G 60 57.24 43.99 -42.22
C PRO G 60 55.98 44.82 -41.86
N HIS G 61 56.17 46.11 -41.58
CA HIS G 61 55.06 47.07 -41.27
C HIS G 61 54.28 46.76 -39.99
N LEU G 62 53.86 45.52 -39.83
CA LEU G 62 53.05 45.12 -38.69
C LEU G 62 53.15 43.62 -38.51
N ASP G 63 53.65 43.18 -37.35
CA ASP G 63 53.98 41.77 -37.17
C ASP G 63 52.79 40.92 -36.67
N GLY G 64 52.98 39.61 -36.61
CA GLY G 64 51.98 38.69 -36.11
C GLY G 64 51.30 39.01 -34.78
N LEU G 65 52.05 39.34 -33.74
CA LEU G 65 51.45 39.60 -32.44
C LEU G 65 50.59 40.88 -32.45
N ALA G 66 51.05 41.90 -33.16
CA ALA G 66 50.26 43.12 -33.30
C ALA G 66 48.93 42.79 -34.01
N VAL G 67 49.00 42.00 -35.07
CA VAL G 67 47.79 41.53 -35.76
C VAL G 67 46.82 40.84 -34.79
N LEU G 68 47.35 39.90 -34.00
CA LEU G 68 46.59 39.14 -33.03
C LEU G 68 45.92 40.03 -31.98
N GLU G 69 46.64 41.05 -31.55
CA GLU G 69 46.14 42.07 -30.62
C GLU G 69 44.95 42.83 -31.21
N MET G 70 45.02 43.08 -32.51
CA MET G 70 43.90 43.65 -33.24
C MET G 70 42.73 42.68 -33.38
N MET G 71 42.99 41.42 -33.74
CA MET G 71 41.89 40.47 -33.87
C MET G 71 41.24 40.17 -32.53
N GLN G 72 42.01 40.29 -31.45
CA GLN G 72 41.48 40.06 -30.12
C GLN G 72 40.48 41.16 -29.78
N ALA G 73 40.68 42.34 -30.36
CA ALA G 73 39.96 43.53 -29.96
C ALA G 73 38.64 43.78 -30.69
N ASN G 74 38.20 42.86 -31.54
CA ASN G 74 36.87 42.99 -32.11
C ASN G 74 36.28 41.82 -32.91
N GLU G 75 35.06 42.06 -33.38
CA GLU G 75 34.54 41.47 -34.61
C GLU G 75 34.46 39.95 -34.53
N ASN G 76 34.10 39.36 -35.67
CA ASN G 76 34.38 37.96 -35.98
C ASN G 76 35.87 37.68 -36.03
N LEU G 77 36.67 38.75 -36.13
CA LEU G 77 38.12 38.63 -36.13
C LEU G 77 38.52 37.78 -34.93
N SER G 78 37.91 38.09 -33.80
CA SER G 78 38.11 37.33 -32.58
C SER G 78 37.69 35.87 -32.75
N LYS G 79 36.71 35.63 -33.62
CA LYS G 79 36.18 34.27 -33.80
C LYS G 79 37.13 33.44 -34.65
N VAL G 80 37.94 34.14 -35.45
CA VAL G 80 38.93 33.47 -36.29
C VAL G 80 39.94 32.68 -35.46
N GLN G 81 40.14 31.44 -35.91
CA GLN G 81 41.07 30.52 -35.28
C GLN G 81 42.46 30.66 -35.89
N VAL G 82 43.42 31.12 -35.10
CA VAL G 82 44.73 31.45 -35.64
C VAL G 82 45.83 30.45 -35.24
N ILE G 83 46.62 30.06 -36.24
CA ILE G 83 47.77 29.20 -36.05
C ILE G 83 49.04 30.03 -36.30
N MET G 84 49.86 30.24 -35.28
CA MET G 84 51.11 30.98 -35.48
C MET G 84 52.12 30.12 -36.26
N LEU G 85 52.74 30.74 -37.27
CA LEU G 85 53.93 30.19 -37.94
C LEU G 85 55.10 31.12 -37.70
N THR G 86 56.30 30.55 -37.62
CA THR G 86 57.49 31.30 -37.27
C THR G 86 58.71 30.40 -37.27
N ALA G 87 59.88 31.02 -37.47
CA ALA G 87 61.17 30.37 -37.25
C ALA G 87 61.78 30.91 -35.96
N PHE G 88 61.06 31.81 -35.32
CA PHE G 88 61.53 32.47 -34.12
C PHE G 88 60.87 31.85 -32.87
N GLY G 89 61.40 30.70 -32.46
CA GLY G 89 60.89 29.97 -31.32
C GLY G 89 61.38 30.45 -29.96
N GLN G 90 61.05 31.68 -29.63
CA GLN G 90 61.47 32.26 -28.37
C GLN G 90 60.26 32.17 -27.45
N GLU G 91 60.46 31.75 -26.21
CA GLU G 91 59.34 31.32 -25.36
C GLU G 91 58.49 32.44 -24.74
N ASP G 92 59.06 33.62 -24.58
CA ASP G 92 58.26 34.76 -24.12
C ASP G 92 57.30 35.15 -25.24
N VAL G 93 57.71 34.87 -26.47
CA VAL G 93 56.89 35.10 -27.64
C VAL G 93 55.67 34.20 -27.61
N MET G 94 55.90 32.93 -27.27
CA MET G 94 54.81 31.99 -27.19
C MET G 94 53.83 32.31 -26.07
N LYS G 95 54.30 32.89 -24.97
CA LYS G 95 53.38 33.28 -23.92
C LYS G 95 52.51 34.45 -24.41
N GLN G 96 53.08 35.33 -25.21
CA GLN G 96 52.28 36.43 -25.73
C GLN G 96 51.21 35.90 -26.66
N ALA G 97 51.56 34.90 -27.46
CA ALA G 97 50.65 34.34 -28.43
C ALA G 97 49.45 33.63 -27.77
N VAL G 98 49.67 32.93 -26.67
CA VAL G 98 48.54 32.31 -25.97
C VAL G 98 47.63 33.41 -25.41
N ASP G 99 48.21 34.34 -24.66
CA ASP G 99 47.44 35.41 -24.03
C ASP G 99 46.68 36.32 -25.02
N LEU G 100 47.17 36.43 -26.26
CA LEU G 100 46.48 37.21 -27.28
C LEU G 100 45.50 36.36 -28.11
N GLY G 101 45.39 35.07 -27.80
CA GLY G 101 44.33 34.23 -28.35
C GLY G 101 44.64 33.23 -29.45
N ALA G 102 45.91 32.91 -29.66
CA ALA G 102 46.32 31.95 -30.72
C ALA G 102 45.95 30.50 -30.34
N SER G 103 45.47 29.75 -31.33
CA SER G 103 45.00 28.39 -31.10
C SER G 103 46.12 27.39 -31.13
N TYR G 104 47.14 27.65 -31.97
CA TYR G 104 48.24 26.69 -32.11
C TYR G 104 49.49 27.43 -32.54
N PHE G 105 50.59 26.71 -32.58
CA PHE G 105 51.91 27.30 -32.79
C PHE G 105 52.78 26.28 -33.51
N MET G 106 53.33 26.63 -34.67
CA MET G 106 54.21 25.69 -35.36
C MET G 106 55.52 26.34 -35.74
N LEU G 107 56.61 25.62 -35.50
CA LEU G 107 57.93 26.14 -35.76
C LEU G 107 58.35 25.67 -37.14
N LYS G 108 58.98 26.57 -37.91
CA LYS G 108 59.48 26.24 -39.25
C LYS G 108 60.88 25.67 -39.14
N PRO G 109 61.24 24.72 -40.01
CA PRO G 109 60.43 24.09 -41.05
C PRO G 109 59.45 23.08 -40.48
N PHE G 110 58.38 22.76 -41.22
CA PHE G 110 57.37 21.85 -40.71
C PHE G 110 56.69 21.07 -41.84
N GLU G 111 56.32 19.83 -41.57
CA GLU G 111 55.64 18.97 -42.54
C GLU G 111 54.28 19.54 -42.95
N PHE G 112 54.00 19.50 -44.25
CA PHE G 112 52.74 19.97 -44.82
C PHE G 112 51.53 19.24 -44.19
N ASP G 113 51.63 17.93 -44.01
CA ASP G 113 50.51 17.15 -43.51
C ASP G 113 50.08 17.50 -42.08
N ARG G 114 51.06 17.74 -41.21
CA ARG G 114 50.80 18.15 -39.83
C ARG G 114 50.09 19.50 -39.76
N LEU G 115 50.55 20.46 -40.56
CA LEU G 115 49.83 21.73 -40.71
C LEU G 115 48.37 21.51 -41.11
N VAL G 116 48.14 20.59 -42.04
CA VAL G 116 46.79 20.34 -42.52
C VAL G 116 45.93 19.81 -41.38
N ASN G 117 46.44 18.82 -40.64
CA ASN G 117 45.69 18.27 -39.51
C ASN G 117 45.35 19.32 -38.47
N GLN G 118 46.29 20.20 -38.18
CA GLN G 118 46.02 21.29 -37.26
C GLN G 118 45.03 22.30 -37.82
N ILE G 119 44.94 22.42 -39.14
CA ILE G 119 43.92 23.27 -39.73
C ILE G 119 42.53 22.67 -39.48
N LEU G 120 42.40 21.36 -39.60
CA LEU G 120 41.09 20.72 -39.45
C LEU G 120 40.64 20.66 -37.98
N GLN G 121 41.54 20.21 -37.11
CA GLN G 121 41.32 20.18 -35.67
C GLN G 121 40.76 21.49 -35.16
N VAL G 122 41.45 22.54 -35.52
CA VAL G 122 41.15 23.90 -35.10
C VAL G 122 39.86 24.46 -35.74
N ALA G 123 39.58 24.03 -36.97
CA ALA G 123 38.39 24.48 -37.69
C ALA G 123 37.08 24.10 -37.00
N GLY G 124 36.19 25.08 -36.86
CA GLY G 124 34.86 24.89 -36.29
C GLY G 124 34.87 24.36 -34.88
N HIS G 125 35.91 24.73 -34.14
CA HIS G 125 36.16 24.11 -32.85
C HIS G 125 36.42 25.18 -31.79
MG MG H . 37.74 10.24 -17.51
MG MG I . -22.20 27.13 -31.43
MG MG J . -0.05 -17.83 32.61
MG MG K . -62.39 -8.96 10.82
MG MG L . 17.46 -12.36 9.67
MG MG M . 23.55 3.62 5.70
MG MG N . 58.38 36.25 -41.63
#